data_6XMQ
#
_entry.id   6XMQ
#
_cell.length_a   1.00
_cell.length_b   1.00
_cell.length_c   1.00
_cell.angle_alpha   90.00
_cell.angle_beta   90.00
_cell.angle_gamma   90.00
#
_symmetry.space_group_name_H-M   'P 1'
#
loop_
_entity.id
_entity.type
_entity.pdbx_description
1 polymer 'P5A-type ATPase'
2 non-polymer 'PHOSPHOMETHYLPHOSPHONIC ACID ADENYLATE ESTER'
3 non-polymer 'MAGNESIUM ION'
#
_entity_poly.entity_id   1
_entity_poly.type   'polypeptide(L)'
_entity_poly.pdbx_seq_one_letter_code
;MTKKSFVSSPIVRDSTLLVPKSLIAKPYVLPFFPLYATFAQLYFQQYDRYIKGPEWTFVYLGTLVSLNILVMLMPAWNVK
IKAKFNYSTTKNVNEATHILIYTTPNNGSDGIVEIQRVTEAGSLQTFFQFQKKRFLWHENEQVFSSPKFLVDESPKIGDF
QKCKGHSGDLTHLKRLYGENSFDIPIPTFMELFKEHAVAPLFVFQVFCVALWLLDEFWYYSLFNLFMIISMEAAAVFQRL
TALKEFRTMGIKPYTINVFRNKKWVALQTNELLPMDLVSITRTAEESAIPCDLILLDGSAIVNEAMLSGESTPLLKESIK
LRPSEDNLQLDGVDKIAVLHGGTKALQVTPPEHKSDIPPPPDGGALAIVTKTGFETSQGSLVRVMIYSAERVSVDNKEAL
MFILFLLIFAVIASWYVWVEGTKMGRIQSKLILDCILIITSVVPPELPMELTMAVNSSLAALAKFYVYCTEPFRIPFAGR
IDVCCFDKTGTLTGEDLVFEGLAGISADSENIRHLYSAAEAPESTILVIGAAHALVKLEDGDIVGDPMEKATLKAVGWAV
ERKNSNYREGTGKLDIIRRFQFSSALKRSASIASHNDALFAAVKGAPETIRERLSDIPKNYDEIYKSFTRSGSRVLALAS
KSLPKMSQSKIDDLNRDDVESELTFNGFLIFHCPLKDDAIETIKMLNESSHRSIMITGDNPLTAVHVAKEVGIVFGETLI
LDRAGKSDDNQLLFRDVEETVSIPFDPSKDTFDHSKLFDRYDIAVTGYALNALEGHSQLRDLLRHTWVYARVSPSQKEFL
LNTLKDMGYQTLMCGDGTNDVGALKQAHVGIALLNGTEEGLKKLGEQRRLEGMKMMYIKQTEFMARWNQPQPPVPEPIAH
LFPPGPKNPHYLKALESKGTVITPEIRKAVEEANSKPVEVIKPNGLSEKKPADLASLLLNSAGDAQGDEAPALKLGDASC
AAPFTSKLANVSAVTNIIRQGRCALVNTIQMYKILALNCLISAYSLSIIYMAGVKFGDGQATVSGLLLSVCFLSISRGKP
LEKLSKQRPQSGIFNVYIMGSILSQFAVHIATLVYITTEIYKLEPREPQVDLEKEFAPSLLNTGIFIIQLVQQVSTFAVN
YQGEPFRENIRSNKGMYYGLLGVTGLALASATEFLPELNEAMKFVPMTDDFKIKLTLTLLLDFFGSWGVEHFFKFFFMDD
KPSDISVQQVKIASKGATGGSTAGGATTASGTGENLYFQ
;
_entity_poly.pdbx_strand_id   A
#
loop_
_chem_comp.id
_chem_comp.type
_chem_comp.name
_chem_comp.formula
ACP non-polymer 'PHOSPHOMETHYLPHOSPHONIC ACID ADENYLATE ESTER' 'C11 H18 N5 O12 P3'
MG non-polymer 'MAGNESIUM ION' 'Mg 2'
#
# COMPACT_ATOMS: atom_id res chain seq x y z
N LYS A 4 -31.73 -19.02 -9.92
CA LYS A 4 -31.01 -18.34 -8.85
C LYS A 4 -29.53 -18.22 -9.18
N SER A 5 -28.93 -17.09 -8.85
CA SER A 5 -27.52 -16.80 -9.11
C SER A 5 -27.22 -16.91 -10.60
N PHE A 6 -27.84 -16.02 -11.38
CA PHE A 6 -27.70 -16.06 -12.83
C PHE A 6 -26.26 -15.89 -13.26
N VAL A 7 -25.62 -14.79 -12.87
CA VAL A 7 -24.23 -14.56 -13.24
C VAL A 7 -23.34 -15.54 -12.50
N SER A 8 -22.38 -16.13 -13.23
CA SER A 8 -21.54 -17.22 -12.72
C SER A 8 -20.08 -16.79 -12.82
N SER A 9 -19.51 -16.34 -11.70
CA SER A 9 -18.12 -15.90 -11.64
C SER A 9 -17.76 -15.69 -10.18
N PRO A 10 -16.49 -15.85 -9.81
CA PRO A 10 -16.10 -15.67 -8.40
C PRO A 10 -16.26 -14.24 -7.91
N ILE A 11 -16.43 -13.27 -8.79
CA ILE A 11 -16.63 -11.89 -8.34
C ILE A 11 -18.02 -11.72 -7.75
N VAL A 12 -19.05 -12.23 -8.44
CA VAL A 12 -20.42 -11.99 -8.03
C VAL A 12 -20.79 -12.91 -6.87
N ARG A 13 -21.84 -12.52 -6.16
CA ARG A 13 -22.47 -13.36 -5.14
C ARG A 13 -23.91 -13.71 -5.52
N ASP A 14 -24.68 -12.73 -5.97
CA ASP A 14 -26.05 -12.97 -6.38
C ASP A 14 -26.52 -11.79 -7.23
N SER A 15 -27.52 -12.06 -8.07
CA SER A 15 -27.98 -11.07 -9.02
C SER A 15 -29.48 -11.21 -9.23
N THR A 16 -30.12 -10.07 -9.53
CA THR A 16 -31.54 -10.04 -9.87
C THR A 16 -31.73 -9.11 -11.05
N LEU A 17 -32.49 -9.56 -12.04
CA LEU A 17 -32.73 -8.73 -13.21
C LEU A 17 -33.70 -7.60 -12.88
N LEU A 18 -33.59 -6.51 -13.66
CA LEU A 18 -34.36 -5.30 -13.42
C LEU A 18 -34.98 -4.80 -14.71
N VAL A 19 -36.10 -4.10 -14.58
CA VAL A 19 -36.73 -3.41 -15.69
C VAL A 19 -37.21 -2.06 -15.18
N PRO A 20 -37.00 -0.98 -15.93
CA PRO A 20 -37.33 0.36 -15.40
C PRO A 20 -38.83 0.59 -15.31
N LYS A 21 -39.17 1.67 -14.60
CA LYS A 21 -40.55 2.06 -14.38
C LYS A 21 -40.74 3.52 -14.78
N SER A 22 -41.97 3.87 -15.13
CA SER A 22 -42.28 5.22 -15.61
C SER A 22 -42.37 6.20 -14.44
N LEU A 23 -42.54 7.48 -14.79
CA LEU A 23 -42.60 8.52 -13.76
C LEU A 23 -43.78 8.33 -12.84
N ILE A 24 -44.94 7.91 -13.37
CA ILE A 24 -46.13 7.72 -12.55
C ILE A 24 -45.90 6.60 -11.55
N ALA A 25 -45.14 5.58 -11.93
CA ALA A 25 -44.88 4.48 -11.01
C ALA A 25 -43.87 4.86 -9.93
N LYS A 26 -43.13 5.95 -10.11
CA LYS A 26 -42.10 6.33 -9.16
C LYS A 26 -42.70 6.52 -7.77
N PRO A 27 -41.91 6.29 -6.71
CA PRO A 27 -42.49 6.26 -5.37
C PRO A 27 -42.80 7.62 -4.78
N TYR A 28 -42.44 8.73 -5.43
CA TYR A 28 -42.68 10.03 -4.84
C TYR A 28 -43.71 10.87 -5.59
N VAL A 29 -43.63 10.93 -6.92
CA VAL A 29 -44.46 11.86 -7.68
C VAL A 29 -45.94 11.57 -7.44
N LEU A 30 -46.37 10.32 -7.64
CA LEU A 30 -47.79 10.01 -7.47
C LEU A 30 -48.21 10.10 -6.01
N PRO A 31 -47.51 9.52 -5.03
CA PRO A 31 -47.99 9.62 -3.64
C PRO A 31 -47.99 11.03 -3.09
N PHE A 32 -47.18 11.94 -3.64
CA PHE A 32 -47.10 13.27 -3.06
C PHE A 32 -48.20 14.21 -3.55
N PHE A 33 -48.94 13.84 -4.59
CA PHE A 33 -50.03 14.71 -5.06
C PHE A 33 -51.14 14.88 -4.03
N PRO A 34 -51.65 13.82 -3.38
CA PRO A 34 -52.70 14.05 -2.37
C PRO A 34 -52.27 14.93 -1.22
N LEU A 35 -50.98 14.90 -0.85
CA LEU A 35 -50.52 15.76 0.23
C LEU A 35 -50.60 17.23 -0.16
N TYR A 36 -50.14 17.56 -1.37
CA TYR A 36 -50.29 18.93 -1.86
C TYR A 36 -51.76 19.30 -1.97
N ALA A 37 -52.60 18.35 -2.37
CA ALA A 37 -54.03 18.64 -2.50
C ALA A 37 -54.65 18.99 -1.15
N THR A 38 -54.40 18.17 -0.12
CA THR A 38 -54.96 18.47 1.19
C THR A 38 -54.35 19.72 1.79
N PHE A 39 -53.09 20.00 1.48
CA PHE A 39 -52.47 21.24 1.94
C PHE A 39 -53.18 22.45 1.33
N ALA A 40 -53.38 22.44 0.02
CA ALA A 40 -54.07 23.55 -0.63
C ALA A 40 -55.51 23.68 -0.15
N GLN A 41 -56.16 22.54 0.14
CA GLN A 41 -57.51 22.60 0.66
C GLN A 41 -57.55 23.22 2.05
N LEU A 42 -56.61 22.85 2.92
CA LEU A 42 -56.58 23.41 4.27
C LEU A 42 -56.22 24.89 4.25
N TYR A 43 -55.31 25.30 3.36
CA TYR A 43 -54.94 26.70 3.29
C TYR A 43 -56.12 27.57 2.87
N PHE A 44 -56.97 27.06 1.99
CA PHE A 44 -58.15 27.80 1.55
C PHE A 44 -59.40 27.27 2.21
N GLU A 55 -48.17 32.45 8.84
CA GLU A 55 -48.43 31.97 10.19
C GLU A 55 -47.76 30.61 10.44
N TRP A 56 -48.35 29.85 11.36
CA TRP A 56 -47.82 28.53 11.70
C TRP A 56 -47.91 27.55 10.53
N THR A 57 -48.75 27.82 9.54
CA THR A 57 -48.92 26.91 8.41
C THR A 57 -47.72 26.90 7.48
N PHE A 58 -46.75 27.80 7.67
CA PHE A 58 -45.62 27.86 6.76
C PHE A 58 -44.66 26.71 6.98
N VAL A 59 -44.46 26.30 8.24
CA VAL A 59 -43.54 25.22 8.55
C VAL A 59 -44.02 23.91 7.94
N TYR A 60 -45.33 23.78 7.71
CA TYR A 60 -45.86 22.57 7.10
C TYR A 60 -45.41 22.46 5.65
N LEU A 61 -45.61 23.52 4.86
CA LEU A 61 -45.11 23.52 3.50
C LEU A 61 -43.60 23.33 3.48
N GLY A 62 -42.90 23.96 4.43
CA GLY A 62 -41.45 23.80 4.48
C GLY A 62 -41.03 22.36 4.64
N THR A 63 -41.60 21.68 5.64
CA THR A 63 -41.20 20.29 5.88
C THR A 63 -41.66 19.37 4.76
N LEU A 64 -42.78 19.68 4.10
CA LEU A 64 -43.20 18.85 2.97
C LEU A 64 -42.23 18.98 1.80
N VAL A 65 -41.83 20.21 1.47
CA VAL A 65 -40.86 20.40 0.40
C VAL A 65 -39.54 19.73 0.76
N SER A 66 -39.14 19.80 2.03
CA SER A 66 -37.90 19.16 2.45
C SER A 66 -37.97 17.65 2.26
N LEU A 67 -39.08 17.03 2.68
CA LEU A 67 -39.21 15.59 2.51
C LEU A 67 -39.21 15.21 1.03
N ASN A 68 -39.89 16.00 0.19
CA ASN A 68 -39.91 15.68 -1.24
C ASN A 68 -38.51 15.76 -1.84
N ILE A 69 -37.78 16.85 -1.56
CA ILE A 69 -36.46 17.03 -2.17
C ILE A 69 -35.46 16.04 -1.60
N LEU A 70 -35.71 15.51 -0.39
CA LEU A 70 -34.82 14.49 0.14
C LEU A 70 -35.11 13.13 -0.47
N VAL A 71 -36.39 12.80 -0.66
CA VAL A 71 -36.73 11.53 -1.29
C VAL A 71 -36.23 11.50 -2.73
N MET A 72 -36.28 12.65 -3.42
CA MET A 72 -35.82 12.67 -4.80
C MET A 72 -34.33 12.35 -4.90
N LEU A 73 -33.54 12.69 -3.89
CA LEU A 73 -32.11 12.44 -3.91
C LEU A 73 -31.72 11.13 -3.23
N MET A 74 -32.60 10.55 -2.42
CA MET A 74 -32.24 9.33 -1.69
C MET A 74 -31.73 8.19 -2.56
N PRO A 75 -32.27 7.91 -3.75
CA PRO A 75 -31.77 6.74 -4.50
C PRO A 75 -30.28 6.74 -4.73
N ALA A 76 -29.69 7.89 -5.07
CA ALA A 76 -28.28 7.91 -5.45
C ALA A 76 -27.35 7.56 -4.30
N TRP A 77 -27.84 7.56 -3.06
CA TRP A 77 -26.95 7.32 -1.92
C TRP A 77 -26.63 5.83 -1.79
N ASN A 78 -27.65 4.98 -1.83
CA ASN A 78 -27.46 3.54 -1.69
C ASN A 78 -28.11 2.82 -2.86
N VAL A 79 -27.35 1.92 -3.49
CA VAL A 79 -27.80 1.33 -4.75
C VAL A 79 -28.96 0.38 -4.54
N LYS A 80 -29.04 -0.29 -3.40
CA LYS A 80 -30.20 -1.13 -3.13
C LYS A 80 -31.47 -0.31 -3.09
N ILE A 81 -31.41 0.88 -2.47
CA ILE A 81 -32.55 1.78 -2.47
C ILE A 81 -32.90 2.20 -3.89
N LYS A 82 -31.88 2.42 -4.72
CA LYS A 82 -32.15 2.79 -6.11
C LYS A 82 -32.87 1.69 -6.85
N ALA A 83 -32.41 0.44 -6.68
CA ALA A 83 -33.07 -0.68 -7.34
C ALA A 83 -34.49 -0.86 -6.83
N LYS A 84 -34.71 -0.64 -5.53
CA LYS A 84 -36.04 -0.84 -4.98
C LYS A 84 -37.01 0.26 -5.41
N PHE A 85 -36.52 1.49 -5.54
CA PHE A 85 -37.38 2.59 -5.96
C PHE A 85 -37.66 2.54 -7.46
N ASN A 86 -36.62 2.66 -8.27
CA ASN A 86 -36.82 2.88 -9.70
C ASN A 86 -37.19 1.61 -10.44
N TYR A 87 -36.62 0.48 -10.05
CA TYR A 87 -36.70 -0.73 -10.85
C TYR A 87 -37.58 -1.78 -10.17
N SER A 88 -38.16 -2.66 -11.00
CA SER A 88 -38.95 -3.78 -10.52
C SER A 88 -38.31 -5.07 -11.02
N THR A 89 -38.16 -6.04 -10.12
CA THR A 89 -37.47 -7.28 -10.48
C THR A 89 -38.33 -8.14 -11.38
N THR A 90 -37.71 -8.72 -12.40
CA THR A 90 -38.36 -9.65 -13.30
C THR A 90 -37.43 -10.81 -13.58
N LYS A 91 -38.01 -11.94 -13.98
CA LYS A 91 -37.25 -13.14 -14.27
C LYS A 91 -37.07 -13.40 -15.76
N ASN A 92 -37.61 -12.53 -16.61
CA ASN A 92 -37.47 -12.67 -18.05
C ASN A 92 -36.12 -12.09 -18.48
N VAL A 93 -35.26 -12.95 -19.03
CA VAL A 93 -33.92 -12.51 -19.42
C VAL A 93 -33.96 -11.76 -20.74
N ASN A 94 -35.02 -11.92 -21.51
CA ASN A 94 -35.15 -11.14 -22.74
C ASN A 94 -35.79 -9.78 -22.46
N GLU A 95 -36.67 -9.70 -21.46
CA GLU A 95 -37.33 -8.44 -21.15
C GLU A 95 -36.41 -7.50 -20.39
N ALA A 96 -35.54 -8.05 -19.54
CA ALA A 96 -34.73 -7.23 -18.65
C ALA A 96 -33.81 -6.30 -19.42
N THR A 97 -33.64 -5.09 -18.90
CA THR A 97 -32.74 -4.10 -19.49
C THR A 97 -31.73 -3.56 -18.50
N HIS A 98 -31.71 -4.04 -17.26
CA HIS A 98 -30.69 -3.67 -16.31
C HIS A 98 -30.52 -4.79 -15.30
N ILE A 99 -29.29 -4.99 -14.84
CA ILE A 99 -28.97 -6.10 -13.97
C ILE A 99 -28.18 -5.59 -12.77
N LEU A 100 -28.53 -6.10 -11.59
CA LEU A 100 -27.87 -5.72 -10.34
C LEU A 100 -26.87 -6.82 -9.96
N ILE A 101 -25.75 -6.40 -9.40
CA ILE A 101 -24.65 -7.30 -9.06
C ILE A 101 -24.31 -7.14 -7.58
N TYR A 102 -24.48 -8.22 -6.82
CA TYR A 102 -24.03 -8.28 -5.43
C TYR A 102 -22.63 -8.85 -5.39
N THR A 103 -21.66 -8.06 -4.95
CA THR A 103 -20.28 -8.50 -5.00
C THR A 103 -19.93 -9.37 -3.79
N THR A 104 -18.89 -10.19 -3.97
CA THR A 104 -18.32 -10.99 -2.90
C THR A 104 -17.66 -10.07 -1.87
N PRO A 105 -17.31 -10.57 -0.69
CA PRO A 105 -16.89 -9.67 0.40
C PRO A 105 -15.66 -8.82 0.07
N ASN A 106 -14.67 -9.38 -0.60
CA ASN A 106 -13.38 -8.71 -0.75
C ASN A 106 -13.19 -8.05 -2.11
N ASN A 107 -14.22 -8.02 -2.95
CA ASN A 107 -14.09 -7.48 -4.30
C ASN A 107 -15.06 -6.32 -4.49
N GLY A 108 -14.53 -5.09 -4.42
CA GLY A 108 -15.30 -3.92 -4.80
C GLY A 108 -16.58 -3.76 -4.00
N SER A 109 -17.61 -3.23 -4.68
CA SER A 109 -18.90 -2.98 -4.05
C SER A 109 -19.99 -3.12 -5.10
N ASP A 110 -21.23 -3.21 -4.63
CA ASP A 110 -22.36 -3.45 -5.50
C ASP A 110 -22.52 -2.33 -6.53
N GLY A 111 -23.29 -2.62 -7.57
CA GLY A 111 -23.55 -1.61 -8.59
C GLY A 111 -24.65 -2.06 -9.51
N ILE A 112 -25.06 -1.13 -10.37
CA ILE A 112 -26.06 -1.38 -11.40
C ILE A 112 -25.39 -1.22 -12.76
N VAL A 113 -25.52 -2.23 -13.60
CA VAL A 113 -24.88 -2.23 -14.92
C VAL A 113 -25.93 -2.49 -15.98
N GLU A 114 -25.73 -1.90 -17.16
CA GLU A 114 -26.70 -2.02 -18.24
C GLU A 114 -26.41 -3.24 -19.10
N ILE A 115 -27.48 -3.86 -19.58
CA ILE A 115 -27.41 -5.02 -20.45
C ILE A 115 -27.58 -4.56 -21.89
N GLN A 116 -26.61 -4.88 -22.74
CA GLN A 116 -26.60 -4.43 -24.12
C GLN A 116 -26.83 -5.61 -25.05
N ARG A 117 -27.36 -5.33 -26.23
CA ARG A 117 -27.67 -6.36 -27.21
C ARG A 117 -27.15 -5.94 -28.57
N VAL A 118 -26.42 -6.85 -29.23
CA VAL A 118 -25.96 -6.65 -30.60
C VAL A 118 -26.15 -7.96 -31.35
N THR A 119 -26.62 -7.85 -32.59
CA THR A 119 -26.89 -9.00 -33.43
C THR A 119 -25.76 -9.18 -34.43
N GLU A 120 -25.17 -10.38 -34.43
CA GLU A 120 -24.06 -10.71 -35.31
C GLU A 120 -24.21 -12.13 -35.79
N ALA A 121 -23.91 -12.36 -37.07
CA ALA A 121 -24.02 -13.68 -37.70
C ALA A 121 -25.42 -14.28 -37.50
N GLY A 122 -26.42 -13.41 -37.54
CA GLY A 122 -27.79 -13.84 -37.38
C GLY A 122 -28.19 -14.23 -35.97
N SER A 123 -27.34 -13.97 -34.97
CA SER A 123 -27.63 -14.34 -33.59
C SER A 123 -27.39 -13.14 -32.69
N LEU A 124 -28.34 -12.86 -31.82
CA LEU A 124 -28.19 -11.78 -30.85
C LEU A 124 -27.37 -12.26 -29.66
N GLN A 125 -26.57 -11.36 -29.11
CA GLN A 125 -25.67 -11.68 -28.01
C GLN A 125 -25.90 -10.72 -26.86
N THR A 126 -26.14 -11.29 -25.68
CA THR A 126 -26.40 -10.51 -24.47
C THR A 126 -25.13 -10.44 -23.66
N PHE A 127 -24.54 -9.25 -23.57
CA PHE A 127 -23.26 -9.12 -22.88
C PHE A 127 -23.19 -7.75 -22.22
N PHE A 128 -22.54 -7.72 -21.05
CA PHE A 128 -22.26 -6.49 -20.35
C PHE A 128 -20.85 -6.55 -19.81
N GLN A 129 -20.39 -5.44 -19.25
CA GLN A 129 -19.02 -5.33 -18.76
C GLN A 129 -19.05 -4.72 -17.37
N PHE A 130 -18.57 -5.48 -16.38
CA PHE A 130 -18.55 -5.05 -14.99
C PHE A 130 -17.15 -5.13 -14.45
N GLN A 131 -16.69 -4.03 -13.84
CA GLN A 131 -15.31 -3.92 -13.35
C GLN A 131 -14.30 -4.24 -14.45
N LYS A 132 -14.62 -3.80 -15.67
CA LYS A 132 -13.76 -4.00 -16.83
C LYS A 132 -13.42 -5.47 -17.05
N LYS A 133 -14.32 -6.37 -16.64
CA LYS A 133 -14.17 -7.80 -16.84
C LYS A 133 -15.42 -8.30 -17.53
N ARG A 134 -15.27 -8.73 -18.79
CA ARG A 134 -16.41 -8.98 -19.65
C ARG A 134 -17.29 -10.11 -19.12
N PHE A 135 -18.45 -10.26 -19.74
CA PHE A 135 -19.35 -11.38 -19.49
C PHE A 135 -20.03 -11.73 -20.80
N LEU A 136 -20.78 -12.84 -20.78
CA LEU A 136 -21.52 -13.24 -21.96
C LEU A 136 -22.68 -14.14 -21.51
N TRP A 137 -23.60 -14.38 -22.45
CA TRP A 137 -24.80 -15.17 -22.18
C TRP A 137 -24.76 -16.46 -22.99
N HIS A 138 -24.45 -17.56 -22.32
CA HIS A 138 -24.45 -18.87 -22.96
C HIS A 138 -25.85 -19.46 -22.85
N GLU A 139 -26.48 -19.71 -24.01
CA GLU A 139 -27.90 -20.07 -24.01
C GLU A 139 -28.13 -21.41 -23.32
N ASN A 140 -27.34 -22.41 -23.66
CA ASN A 140 -27.57 -23.76 -23.13
C ASN A 140 -27.52 -23.79 -21.62
N GLU A 141 -26.68 -22.95 -21.02
CA GLU A 141 -26.56 -22.87 -19.58
C GLU A 141 -27.33 -21.70 -18.97
N GLN A 142 -27.78 -20.76 -19.79
CA GLN A 142 -28.62 -19.64 -19.37
C GLN A 142 -27.97 -18.78 -18.29
N VAL A 143 -26.64 -18.74 -18.24
CA VAL A 143 -25.94 -18.03 -17.19
C VAL A 143 -24.92 -17.09 -17.81
N PHE A 144 -24.57 -16.06 -17.05
CA PHE A 144 -23.51 -15.14 -17.44
C PHE A 144 -22.16 -15.67 -16.96
N SER A 145 -21.22 -15.81 -17.89
CA SER A 145 -19.94 -16.43 -17.61
C SER A 145 -18.81 -15.66 -18.25
N SER A 146 -17.77 -15.38 -17.48
CA SER A 146 -16.60 -14.70 -18.00
C SER A 146 -15.86 -15.61 -18.98
N PRO A 147 -15.20 -15.04 -19.99
CA PRO A 147 -14.45 -15.88 -20.93
C PRO A 147 -13.19 -16.44 -20.30
N LYS A 148 -12.93 -17.72 -20.56
CA LYS A 148 -11.82 -18.44 -19.94
C LYS A 148 -10.88 -18.98 -21.01
N PHE A 149 -9.59 -18.83 -20.79
CA PHE A 149 -8.57 -19.17 -21.77
C PHE A 149 -8.12 -20.62 -21.64
N LEU A 150 -7.47 -21.11 -22.68
CA LEU A 150 -7.07 -22.52 -22.72
C LEU A 150 -5.94 -22.81 -21.75
N VAL A 151 -5.04 -21.85 -21.53
CA VAL A 151 -3.86 -22.10 -20.71
C VAL A 151 -4.26 -22.47 -19.29
N ASP A 152 -5.32 -21.84 -18.76
CA ASP A 152 -5.67 -22.05 -17.36
C ASP A 152 -6.29 -23.42 -17.14
N GLU A 153 -7.17 -23.85 -18.03
CA GLU A 153 -8.01 -25.01 -17.74
C GLU A 153 -7.23 -26.32 -17.92
N SER A 154 -6.70 -26.56 -19.10
CA SER A 154 -6.09 -27.86 -19.39
C SER A 154 -5.13 -27.77 -20.58
N PRO A 155 -3.91 -27.31 -20.37
CA PRO A 155 -2.98 -27.16 -21.49
C PRO A 155 -2.52 -28.52 -22.00
N LYS A 156 -2.42 -28.64 -23.32
CA LYS A 156 -1.89 -29.83 -23.96
C LYS A 156 -0.68 -29.42 -24.80
N ILE A 157 0.51 -29.83 -24.35
CA ILE A 157 1.74 -29.32 -24.94
C ILE A 157 1.87 -29.71 -26.41
N GLY A 158 1.04 -30.63 -26.90
CA GLY A 158 1.00 -30.87 -28.33
C GLY A 158 0.24 -29.80 -29.08
N ASP A 159 -0.83 -29.29 -28.47
CA ASP A 159 -1.67 -28.31 -29.15
C ASP A 159 -0.93 -27.00 -29.40
N PHE A 160 -0.06 -26.60 -28.46
CA PHE A 160 0.69 -25.36 -28.62
C PHE A 160 1.57 -25.42 -29.86
N GLN A 161 2.41 -26.44 -29.95
CA GLN A 161 3.24 -26.60 -31.15
C GLN A 161 2.38 -26.85 -32.38
N LYS A 162 1.17 -27.35 -32.20
CA LYS A 162 0.30 -27.63 -33.34
C LYS A 162 -0.25 -26.36 -33.97
N CYS A 163 -0.48 -25.31 -33.18
CA CYS A 163 -1.22 -24.15 -33.68
C CYS A 163 -0.49 -23.48 -34.84
N LYS A 164 -1.28 -22.94 -35.77
CA LYS A 164 -0.74 -22.39 -37.02
C LYS A 164 -1.29 -21.00 -37.33
N GLY A 165 -2.05 -20.39 -36.43
CA GLY A 165 -2.49 -19.02 -36.62
C GLY A 165 -3.96 -18.94 -37.02
N HIS A 166 -4.53 -17.75 -36.80
CA HIS A 166 -5.93 -17.51 -37.15
C HIS A 166 -6.10 -17.26 -38.64
N SER A 167 -7.25 -17.66 -39.16
CA SER A 167 -7.65 -17.37 -40.53
C SER A 167 -9.16 -17.25 -40.58
N GLY A 168 -9.64 -16.55 -41.61
CA GLY A 168 -11.06 -16.35 -41.77
C GLY A 168 -11.57 -15.11 -41.08
N ASP A 169 -12.88 -15.12 -40.78
CA ASP A 169 -13.55 -14.00 -40.13
C ASP A 169 -13.58 -14.25 -38.62
N LEU A 170 -12.79 -13.47 -37.90
CA LEU A 170 -12.71 -13.57 -36.44
C LEU A 170 -13.52 -12.46 -35.76
N THR A 171 -14.82 -12.47 -36.02
CA THR A 171 -15.70 -11.49 -35.38
C THR A 171 -16.18 -11.98 -34.01
N HIS A 172 -16.53 -13.27 -33.91
CA HIS A 172 -16.92 -13.83 -32.62
C HIS A 172 -15.80 -13.71 -31.61
N LEU A 173 -14.56 -13.91 -32.06
CA LEU A 173 -13.42 -13.75 -31.15
C LEU A 173 -13.28 -12.31 -30.72
N LYS A 174 -13.44 -11.36 -31.64
CA LYS A 174 -13.40 -9.95 -31.28
C LYS A 174 -14.44 -9.63 -30.23
N ARG A 175 -15.61 -10.25 -30.33
CA ARG A 175 -16.67 -10.01 -29.34
C ARG A 175 -16.33 -10.65 -28.00
N LEU A 176 -15.74 -11.85 -28.03
CA LEU A 176 -15.56 -12.62 -26.81
C LEU A 176 -14.39 -12.12 -25.99
N TYR A 177 -13.24 -11.90 -26.63
CA TYR A 177 -12.03 -11.52 -25.90
C TYR A 177 -11.75 -10.02 -25.93
N GLY A 178 -12.22 -9.31 -26.94
CA GLY A 178 -12.09 -7.87 -26.98
C GLY A 178 -10.72 -7.41 -27.42
N GLU A 179 -10.57 -6.09 -27.50
CA GLU A 179 -9.30 -5.49 -27.88
C GLU A 179 -8.25 -5.72 -26.82
N ASN A 180 -7.00 -5.87 -27.25
CA ASN A 180 -5.89 -6.20 -26.35
C ASN A 180 -5.17 -4.93 -25.95
N SER A 181 -5.76 -4.21 -25.00
CA SER A 181 -5.15 -3.01 -24.43
C SER A 181 -5.97 -2.59 -23.21
N PHE A 182 -5.31 -1.86 -22.32
CA PHE A 182 -6.00 -1.31 -21.16
C PHE A 182 -7.03 -0.29 -21.62
N ASP A 183 -8.17 -0.24 -20.92
CA ASP A 183 -9.26 0.66 -21.25
C ASP A 183 -9.60 1.48 -20.01
N ILE A 184 -8.89 2.57 -19.81
CA ILE A 184 -9.10 3.44 -18.65
C ILE A 184 -9.56 4.81 -19.13
N PRO A 185 -10.84 5.16 -19.01
CA PRO A 185 -11.28 6.50 -19.40
C PRO A 185 -11.23 7.46 -18.22
N ILE A 186 -10.69 8.64 -18.48
CA ILE A 186 -10.65 9.71 -17.49
C ILE A 186 -11.77 10.70 -17.81
N PRO A 187 -12.74 10.87 -16.93
CA PRO A 187 -13.91 11.70 -17.25
C PRO A 187 -13.57 13.19 -17.19
N THR A 188 -14.45 13.98 -17.80
CA THR A 188 -14.31 15.42 -17.77
C THR A 188 -14.56 15.96 -16.37
N PHE A 189 -14.13 17.20 -16.14
CA PHE A 189 -14.30 17.82 -14.84
C PHE A 189 -15.78 17.99 -14.49
N MET A 190 -16.61 18.30 -15.49
CA MET A 190 -18.03 18.52 -15.23
C MET A 190 -18.71 17.25 -14.73
N GLU A 191 -18.46 16.12 -15.40
CA GLU A 191 -19.11 14.87 -14.99
C GLU A 191 -18.68 14.46 -13.60
N LEU A 192 -17.40 14.65 -13.27
CA LEU A 192 -16.90 14.26 -11.96
C LEU A 192 -17.48 15.16 -10.87
N PHE A 193 -17.57 16.46 -11.12
CA PHE A 193 -18.19 17.34 -10.14
C PHE A 193 -19.68 17.06 -9.98
N LYS A 194 -20.36 16.69 -11.07
CA LYS A 194 -21.75 16.29 -10.96
C LYS A 194 -21.90 15.04 -10.10
N GLU A 195 -20.98 14.08 -10.26
CA GLU A 195 -21.03 12.89 -9.42
C GLU A 195 -20.76 13.24 -7.96
N HIS A 196 -19.89 14.21 -7.71
CA HIS A 196 -19.58 14.59 -6.33
C HIS A 196 -20.70 15.39 -5.67
N ALA A 197 -21.47 16.14 -6.46
CA ALA A 197 -22.46 17.04 -5.88
C ALA A 197 -23.54 16.30 -5.11
N VAL A 198 -23.90 15.09 -5.57
CA VAL A 198 -25.00 14.36 -4.95
C VAL A 198 -24.57 13.62 -3.69
N ALA A 199 -23.30 13.71 -3.31
CA ALA A 199 -22.84 13.04 -2.11
C ALA A 199 -23.58 13.57 -0.89
N PRO A 200 -23.81 12.74 0.13
CA PRO A 200 -24.60 13.19 1.28
C PRO A 200 -23.97 14.34 2.04
N LEU A 201 -22.64 14.35 2.13
CA LEU A 201 -21.96 15.36 2.95
C LEU A 201 -22.11 16.74 2.33
N PHE A 202 -21.91 16.86 1.02
CA PHE A 202 -22.04 18.16 0.37
C PHE A 202 -23.49 18.65 0.40
N VAL A 203 -24.46 17.74 0.25
CA VAL A 203 -25.86 18.14 0.35
C VAL A 203 -26.16 18.64 1.76
N PHE A 204 -25.63 17.96 2.77
CA PHE A 204 -25.83 18.44 4.14
C PHE A 204 -25.25 19.83 4.32
N GLN A 205 -24.06 20.08 3.77
CA GLN A 205 -23.44 21.39 3.95
C GLN A 205 -24.24 22.48 3.23
N VAL A 206 -24.75 22.19 2.03
CA VAL A 206 -25.49 23.22 1.33
C VAL A 206 -26.84 23.45 2.02
N PHE A 207 -27.42 22.43 2.65
CA PHE A 207 -28.62 22.65 3.44
C PHE A 207 -28.33 23.53 4.65
N CYS A 208 -27.20 23.28 5.32
CA CYS A 208 -26.82 24.11 6.45
C CYS A 208 -26.64 25.56 6.03
N VAL A 209 -26.06 25.80 4.86
CA VAL A 209 -25.89 27.17 4.38
C VAL A 209 -27.23 27.78 3.99
N ALA A 210 -28.15 26.97 3.45
CA ALA A 210 -29.48 27.46 3.15
C ALA A 210 -30.20 27.95 4.40
N LEU A 211 -30.00 27.26 5.53
CA LEU A 211 -30.58 27.76 6.77
C LEU A 211 -30.07 29.17 7.10
N TRP A 212 -28.76 29.37 7.05
CA TRP A 212 -28.21 30.68 7.38
C TRP A 212 -28.72 31.75 6.43
N LEU A 213 -28.85 31.42 5.14
CA LEU A 213 -29.51 32.35 4.23
C LEU A 213 -30.93 32.66 4.68
N LEU A 214 -31.64 31.67 5.21
CA LEU A 214 -32.99 31.93 5.69
C LEU A 214 -32.97 32.84 6.92
N ASP A 215 -31.92 32.77 7.72
CA ASP A 215 -31.81 33.56 8.94
C ASP A 215 -31.23 34.95 8.70
N GLU A 216 -31.25 35.44 7.46
CA GLU A 216 -30.82 36.79 7.09
C GLU A 216 -29.32 37.02 7.29
N PHE A 217 -28.54 35.96 7.45
CA PHE A 217 -27.08 36.07 7.43
C PHE A 217 -26.63 35.98 5.98
N TRP A 218 -26.23 37.12 5.41
CA TRP A 218 -25.92 37.15 3.98
C TRP A 218 -24.43 36.93 3.70
N TYR A 219 -23.58 37.81 4.21
CA TYR A 219 -22.15 37.69 3.92
C TYR A 219 -21.56 36.42 4.51
N TYR A 220 -22.02 36.03 5.70
CA TYR A 220 -21.56 34.79 6.30
C TYR A 220 -21.86 33.60 5.42
N SER A 221 -23.11 33.49 4.97
CA SER A 221 -23.49 32.38 4.10
C SER A 221 -22.70 32.40 2.81
N LEU A 222 -22.49 33.59 2.22
CA LEU A 222 -21.77 33.66 0.96
C LEU A 222 -20.32 33.19 1.12
N PHE A 223 -19.65 33.65 2.18
CA PHE A 223 -18.28 33.23 2.42
C PHE A 223 -18.19 31.73 2.65
N ASN A 224 -19.12 31.19 3.47
CA ASN A 224 -19.14 29.75 3.71
C ASN A 224 -19.33 28.98 2.41
N LEU A 225 -20.23 29.46 1.55
CA LEU A 225 -20.51 28.76 0.30
C LEU A 225 -19.31 28.78 -0.63
N PHE A 226 -18.62 29.92 -0.70
CA PHE A 226 -17.40 29.97 -1.51
C PHE A 226 -16.36 28.98 -1.01
N MET A 227 -16.18 28.89 0.31
CA MET A 227 -15.20 27.95 0.85
C MET A 227 -15.59 26.51 0.51
N ILE A 228 -16.88 26.18 0.61
CA ILE A 228 -17.33 24.82 0.30
C ILE A 228 -17.04 24.49 -1.16
N ILE A 229 -17.37 25.41 -2.06
CA ILE A 229 -17.11 25.18 -3.49
C ILE A 229 -15.63 24.98 -3.74
N SER A 230 -14.78 25.79 -3.09
CA SER A 230 -13.34 25.64 -3.28
C SER A 230 -12.86 24.26 -2.84
N MET A 231 -13.30 23.82 -1.67
CA MET A 231 -12.86 22.51 -1.17
C MET A 231 -13.29 21.40 -2.12
N GLU A 232 -14.53 21.44 -2.61
CA GLU A 232 -14.98 20.38 -3.51
C GLU A 232 -14.21 20.39 -4.82
N ALA A 233 -13.95 21.57 -5.38
CA ALA A 233 -13.18 21.64 -6.61
C ALA A 233 -11.77 21.08 -6.41
N ALA A 234 -11.15 21.39 -5.27
CA ALA A 234 -9.81 20.88 -5.01
C ALA A 234 -9.81 19.35 -4.92
N ALA A 235 -10.80 18.78 -4.23
CA ALA A 235 -10.87 17.32 -4.14
C ALA A 235 -11.03 16.69 -5.52
N VAL A 236 -11.86 17.29 -6.37
CA VAL A 236 -12.06 16.73 -7.70
C VAL A 236 -10.78 16.81 -8.52
N PHE A 237 -10.05 17.93 -8.43
CA PHE A 237 -8.77 18.00 -9.13
C PHE A 237 -7.80 16.92 -8.66
N GLN A 238 -7.76 16.69 -7.34
CA GLN A 238 -6.87 15.64 -6.82
C GLN A 238 -7.22 14.28 -7.38
N ARG A 239 -8.51 13.93 -7.37
CA ARG A 239 -8.93 12.62 -7.87
C ARG A 239 -8.62 12.48 -9.36
N LEU A 240 -8.83 13.55 -10.13
CA LEU A 240 -8.52 13.49 -11.56
C LEU A 240 -7.03 13.31 -11.79
N THR A 241 -6.20 13.98 -10.98
CA THR A 241 -4.77 13.79 -11.09
C THR A 241 -4.38 12.35 -10.81
N ALA A 242 -5.00 11.75 -9.80
CA ALA A 242 -4.69 10.35 -9.48
C ALA A 242 -5.05 9.43 -10.65
N LEU A 243 -6.25 9.59 -11.19
CA LEU A 243 -6.64 8.77 -12.34
C LEU A 243 -5.71 8.97 -13.52
N LYS A 244 -5.24 10.20 -13.72
CA LYS A 244 -4.27 10.43 -14.79
C LYS A 244 -2.95 9.72 -14.50
N GLU A 245 -2.56 9.67 -13.22
CA GLU A 245 -1.31 9.00 -12.86
C GLU A 245 -1.38 7.50 -13.11
N PHE A 246 -2.55 6.90 -12.89
CA PHE A 246 -2.68 5.46 -13.14
C PHE A 246 -2.44 5.12 -14.61
N ARG A 247 -2.83 5.99 -15.53
CA ARG A 247 -2.81 5.65 -16.94
C ARG A 247 -1.39 5.46 -17.49
N THR A 248 -0.36 5.88 -16.74
CA THR A 248 1.00 5.79 -17.27
C THR A 248 1.43 4.35 -17.48
N MET A 249 0.83 3.40 -16.76
CA MET A 249 1.19 1.99 -16.97
C MET A 249 0.75 1.49 -18.34
N GLY A 250 -0.20 2.18 -18.97
CA GLY A 250 -0.57 1.82 -20.32
C GLY A 250 0.55 2.11 -21.29
N ILE A 251 0.71 1.24 -22.29
CA ILE A 251 1.78 1.34 -23.27
C ILE A 251 1.19 1.71 -24.62
N LYS A 252 1.86 2.61 -25.32
CA LYS A 252 1.36 3.06 -26.61
C LYS A 252 1.46 1.93 -27.64
N PRO A 253 0.40 1.70 -28.41
CA PRO A 253 0.43 0.60 -29.39
C PRO A 253 1.48 0.83 -30.46
N TYR A 254 2.31 -0.19 -30.66
CA TYR A 254 3.33 -0.16 -31.71
C TYR A 254 3.22 -1.43 -32.55
N THR A 255 3.69 -1.32 -33.79
CA THR A 255 3.40 -2.32 -34.80
C THR A 255 4.33 -3.51 -34.73
N ILE A 256 3.74 -4.71 -34.82
CA ILE A 256 4.47 -5.96 -34.98
C ILE A 256 3.84 -6.74 -36.10
N ASN A 257 4.56 -7.74 -36.58
CA ASN A 257 4.06 -8.62 -37.63
C ASN A 257 3.26 -9.76 -37.00
N VAL A 258 2.30 -10.27 -37.75
CA VAL A 258 1.41 -11.32 -37.27
C VAL A 258 1.12 -12.28 -38.41
N PHE A 259 1.09 -13.57 -38.11
CA PHE A 259 0.87 -14.59 -39.12
C PHE A 259 -0.62 -14.87 -39.21
N ARG A 260 -1.27 -14.27 -40.20
CA ARG A 260 -2.67 -14.50 -40.50
C ARG A 260 -2.82 -14.80 -41.98
N ASN A 261 -3.74 -15.71 -42.31
CA ASN A 261 -3.96 -16.14 -43.69
C ASN A 261 -2.69 -16.71 -44.31
N LYS A 262 -1.94 -17.48 -43.52
CA LYS A 262 -0.77 -18.22 -43.97
C LYS A 262 0.30 -17.31 -44.58
N LYS A 263 0.33 -16.06 -44.15
CA LYS A 263 1.39 -15.14 -44.54
C LYS A 263 1.51 -14.05 -43.50
N TRP A 264 2.58 -13.29 -43.57
CA TRP A 264 2.88 -12.28 -42.56
C TRP A 264 2.30 -10.93 -42.98
N VAL A 265 1.60 -10.28 -42.05
CA VAL A 265 0.99 -8.99 -42.28
C VAL A 265 1.29 -8.10 -41.09
N ALA A 266 1.41 -6.80 -41.34
CA ALA A 266 1.71 -5.85 -40.27
C ALA A 266 0.44 -5.42 -39.55
N LEU A 267 0.43 -5.57 -38.23
CA LEU A 267 -0.73 -5.22 -37.41
C LEU A 267 -0.26 -4.43 -36.20
N GLN A 268 -1.20 -3.78 -35.55
CA GLN A 268 -0.89 -3.04 -34.34
C GLN A 268 -1.06 -3.93 -33.11
N THR A 269 -0.63 -3.41 -31.97
CA THR A 269 -0.70 -4.17 -30.72
C THR A 269 -2.15 -4.42 -30.30
N ASN A 270 -3.08 -3.57 -30.74
CA ASN A 270 -4.47 -3.70 -30.31
C ASN A 270 -5.09 -4.99 -30.84
N GLU A 271 -4.90 -5.27 -32.12
CA GLU A 271 -5.56 -6.41 -32.76
C GLU A 271 -4.76 -7.69 -32.51
N LEU A 272 -4.86 -8.18 -31.28
CA LEU A 272 -4.24 -9.45 -30.88
C LEU A 272 -5.20 -10.26 -30.04
N LEU A 273 -5.29 -11.55 -30.33
CA LEU A 273 -6.18 -12.47 -29.66
C LEU A 273 -5.42 -13.72 -29.26
N PRO A 274 -5.93 -14.47 -28.28
CA PRO A 274 -5.21 -15.67 -27.83
C PRO A 274 -5.02 -16.67 -28.97
N MET A 275 -3.87 -17.37 -28.92
CA MET A 275 -3.50 -18.39 -29.90
C MET A 275 -3.28 -17.79 -31.29
N ASP A 276 -2.56 -16.68 -31.36
CA ASP A 276 -2.28 -15.97 -32.60
C ASP A 276 -0.79 -15.73 -32.70
N LEU A 277 -0.15 -16.26 -33.75
CA LEU A 277 1.29 -16.20 -33.86
C LEU A 277 1.79 -14.78 -34.04
N VAL A 278 2.86 -14.43 -33.32
CA VAL A 278 3.51 -13.13 -33.42
C VAL A 278 5.01 -13.34 -33.43
N SER A 279 5.73 -12.31 -33.87
CA SER A 279 7.19 -12.33 -33.91
C SER A 279 7.71 -11.09 -33.18
N ILE A 280 8.44 -11.31 -32.09
CA ILE A 280 8.94 -10.23 -31.24
C ILE A 280 10.40 -9.97 -31.56
N THR A 281 10.77 -8.70 -31.57
CA THR A 281 12.13 -8.24 -31.79
C THR A 281 12.62 -7.53 -30.54
N ARG A 282 13.78 -6.87 -30.66
CA ARG A 282 14.28 -6.03 -29.58
C ARG A 282 13.20 -5.03 -29.15
N THR A 283 12.94 -4.96 -27.86
CA THR A 283 11.93 -4.03 -27.36
C THR A 283 12.35 -2.59 -27.64
N ALA A 284 11.46 -1.85 -28.29
CA ALA A 284 11.74 -0.44 -28.57
C ALA A 284 11.85 0.33 -27.26
N GLU A 285 12.40 1.54 -27.36
CA GLU A 285 12.58 2.36 -26.16
C GLU A 285 11.24 2.75 -25.58
N GLU A 286 11.14 2.69 -24.25
CA GLU A 286 9.92 3.01 -23.52
C GLU A 286 8.76 2.15 -24.00
N SER A 287 8.99 0.85 -24.10
CA SER A 287 7.96 -0.11 -24.47
C SER A 287 8.27 -1.44 -23.80
N ALA A 288 7.39 -2.42 -24.02
CA ALA A 288 7.54 -3.72 -23.40
C ALA A 288 6.90 -4.78 -24.30
N ILE A 289 6.91 -6.01 -23.81
CA ILE A 289 6.28 -7.12 -24.53
C ILE A 289 4.77 -6.89 -24.57
N PRO A 290 4.10 -7.14 -25.71
CA PRO A 290 2.66 -6.85 -25.80
C PRO A 290 1.80 -7.52 -24.74
N CYS A 291 1.87 -8.84 -24.65
CA CYS A 291 1.03 -9.60 -23.73
C CYS A 291 1.70 -10.94 -23.45
N ASP A 292 1.07 -11.74 -22.60
CA ASP A 292 1.71 -12.95 -22.11
C ASP A 292 1.93 -13.96 -23.23
N LEU A 293 3.16 -14.09 -23.70
CA LEU A 293 3.50 -14.98 -24.77
C LEU A 293 3.96 -16.33 -24.23
N ILE A 294 4.31 -17.22 -25.14
CA ILE A 294 5.00 -18.47 -24.81
C ILE A 294 5.85 -18.85 -26.01
N LEU A 295 7.14 -19.05 -25.78
CA LEU A 295 8.07 -19.24 -26.89
C LEU A 295 7.77 -20.52 -27.65
N LEU A 296 7.94 -20.45 -28.97
CA LEU A 296 7.79 -21.60 -29.84
C LEU A 296 9.03 -21.90 -30.64
N ASP A 297 9.94 -20.94 -30.78
CA ASP A 297 11.15 -21.08 -31.58
C ASP A 297 12.06 -19.90 -31.29
N GLY A 298 13.35 -20.17 -31.15
CA GLY A 298 14.32 -19.12 -30.92
C GLY A 298 14.74 -18.99 -29.48
N SER A 299 15.18 -17.78 -29.12
CA SER A 299 15.67 -17.49 -27.78
C SER A 299 15.46 -16.02 -27.47
N ALA A 300 15.61 -15.66 -26.20
CA ALA A 300 15.45 -14.28 -25.76
C ALA A 300 16.16 -14.09 -24.44
N ILE A 301 16.37 -12.83 -24.08
CA ILE A 301 17.01 -12.45 -22.82
C ILE A 301 16.10 -11.39 -22.20
N VAL A 302 15.18 -11.82 -21.35
CA VAL A 302 14.21 -10.90 -20.78
C VAL A 302 14.75 -10.33 -19.47
N ASN A 303 14.16 -9.22 -19.05
CA ASN A 303 14.56 -8.52 -17.83
C ASN A 303 13.31 -8.34 -16.98
N GLU A 304 13.13 -9.22 -16.00
CA GLU A 304 11.92 -9.21 -15.16
C GLU A 304 12.00 -8.10 -14.12
N ALA A 305 12.22 -6.88 -14.61
CA ALA A 305 12.35 -5.74 -13.72
C ALA A 305 11.05 -5.44 -13.00
N MET A 306 9.92 -5.60 -13.69
CA MET A 306 8.64 -5.22 -13.12
C MET A 306 8.13 -6.25 -12.13
N LEU A 307 7.84 -7.46 -12.60
CA LEU A 307 7.18 -8.44 -11.74
C LEU A 307 8.10 -8.91 -10.61
N SER A 308 9.33 -9.28 -10.95
CA SER A 308 10.24 -9.81 -9.92
C SER A 308 10.80 -8.70 -9.04
N GLY A 309 11.35 -7.65 -9.66
CA GLY A 309 11.97 -6.58 -8.92
C GLY A 309 13.48 -6.59 -8.91
N GLU A 310 14.12 -7.20 -9.89
CA GLU A 310 15.58 -7.25 -9.97
C GLU A 310 16.01 -7.13 -11.41
N SER A 311 17.20 -6.55 -11.62
CA SER A 311 17.67 -6.24 -12.96
C SER A 311 18.43 -7.38 -13.62
N THR A 312 18.76 -8.44 -12.89
CA THR A 312 19.53 -9.53 -13.47
C THR A 312 18.72 -10.20 -14.58
N PRO A 313 19.27 -10.35 -15.78
CA PRO A 313 18.47 -10.86 -16.90
C PRO A 313 18.39 -12.37 -16.93
N LEU A 314 17.17 -12.89 -17.05
CA LEU A 314 16.98 -14.31 -17.21
C LEU A 314 17.24 -14.71 -18.66
N LEU A 315 17.24 -16.02 -18.91
CA LEU A 315 17.37 -16.56 -20.25
C LEU A 315 16.18 -17.47 -20.53
N LYS A 316 15.55 -17.28 -21.67
CA LYS A 316 14.39 -18.08 -22.06
C LYS A 316 14.72 -18.85 -23.33
N GLU A 317 14.19 -20.07 -23.41
CA GLU A 317 14.44 -20.96 -24.53
C GLU A 317 13.13 -21.45 -25.12
N SER A 318 13.21 -22.16 -26.23
CA SER A 318 12.03 -22.58 -26.95
C SER A 318 11.34 -23.74 -26.25
N ILE A 319 10.14 -24.06 -26.73
CA ILE A 319 9.38 -25.22 -26.28
C ILE A 319 9.42 -26.35 -27.29
N LYS A 320 10.13 -26.17 -28.40
CA LYS A 320 10.10 -27.14 -29.49
C LYS A 320 10.77 -28.45 -29.09
N LEU A 321 11.87 -28.38 -28.33
CA LEU A 321 12.62 -29.58 -28.01
C LEU A 321 11.84 -30.54 -27.12
N ARG A 322 10.86 -30.03 -26.38
CA ARG A 322 10.14 -30.88 -25.44
C ARG A 322 9.25 -31.87 -26.18
N PRO A 323 9.08 -33.08 -25.64
CA PRO A 323 8.15 -34.04 -26.25
C PRO A 323 6.74 -33.49 -26.30
N SER A 324 6.03 -33.85 -27.37
CA SER A 324 4.74 -33.23 -27.69
C SER A 324 3.55 -34.03 -27.20
N GLU A 325 3.63 -35.36 -27.19
CA GLU A 325 2.43 -36.16 -26.99
C GLU A 325 2.05 -36.26 -25.52
N ASP A 326 2.92 -36.84 -24.70
CA ASP A 326 2.54 -37.19 -23.34
C ASP A 326 2.55 -35.98 -22.41
N ASN A 327 3.55 -35.11 -22.58
CA ASN A 327 3.79 -34.05 -21.61
C ASN A 327 2.60 -33.10 -21.52
N LEU A 328 2.48 -32.45 -20.37
CA LEU A 328 1.49 -31.41 -20.13
C LEU A 328 2.21 -30.13 -19.73
N GLN A 329 1.75 -29.01 -20.28
CA GLN A 329 2.34 -27.71 -19.97
C GLN A 329 2.16 -27.39 -18.49
N LEU A 330 3.26 -27.35 -17.74
CA LEU A 330 3.19 -27.31 -16.29
C LEU A 330 3.35 -25.92 -15.69
N ASP A 331 4.05 -25.01 -16.36
CA ASP A 331 4.41 -23.70 -15.81
C ASP A 331 5.22 -23.82 -14.54
N GLY A 332 5.83 -24.98 -14.32
CA GLY A 332 6.78 -25.21 -13.25
C GLY A 332 8.16 -25.39 -13.83
N VAL A 333 8.56 -26.65 -14.03
CA VAL A 333 9.78 -26.94 -14.78
C VAL A 333 9.71 -26.38 -16.20
N ASP A 334 8.51 -26.06 -16.69
CA ASP A 334 8.32 -25.52 -18.02
C ASP A 334 8.17 -23.99 -18.01
N LYS A 335 8.86 -23.32 -17.09
CA LYS A 335 8.73 -21.87 -16.97
C LYS A 335 9.66 -21.11 -17.89
N ILE A 336 10.73 -21.75 -18.39
CA ILE A 336 11.69 -21.06 -19.24
C ILE A 336 11.09 -20.60 -20.56
N ALA A 337 9.87 -21.04 -20.88
CA ALA A 337 9.26 -20.64 -22.15
C ALA A 337 8.43 -19.36 -22.01
N VAL A 338 7.79 -19.16 -20.87
CA VAL A 338 6.81 -18.09 -20.72
C VAL A 338 7.49 -16.73 -20.73
N LEU A 339 6.88 -15.77 -21.41
CA LEU A 339 7.33 -14.38 -21.43
C LEU A 339 6.20 -13.51 -20.93
N HIS A 340 6.37 -12.93 -19.74
CA HIS A 340 5.30 -12.13 -19.17
C HIS A 340 5.18 -10.80 -19.89
N GLY A 341 4.02 -10.16 -19.72
CA GLY A 341 3.74 -8.89 -20.37
C GLY A 341 4.14 -7.73 -19.49
N GLY A 342 4.97 -6.86 -20.02
CA GLY A 342 5.47 -5.71 -19.30
C GLY A 342 6.93 -5.78 -18.87
N THR A 343 7.73 -6.64 -19.47
CA THR A 343 9.14 -6.77 -19.14
C THR A 343 9.97 -6.68 -20.42
N LYS A 344 10.95 -5.78 -20.43
CA LYS A 344 11.70 -5.51 -21.64
C LYS A 344 12.56 -6.70 -22.04
N ALA A 345 12.57 -7.00 -23.34
CA ALA A 345 13.33 -8.12 -23.89
C ALA A 345 14.55 -7.56 -24.59
N LEU A 346 15.73 -7.80 -24.02
CA LEU A 346 16.93 -7.13 -24.49
C LEU A 346 17.40 -7.64 -25.84
N GLN A 347 17.19 -8.92 -26.13
CA GLN A 347 17.73 -9.48 -27.36
C GLN A 347 16.97 -10.75 -27.71
N VAL A 348 16.81 -10.99 -29.01
CA VAL A 348 16.19 -12.22 -29.50
C VAL A 348 17.02 -12.75 -30.66
N THR A 349 17.11 -14.08 -30.75
CA THR A 349 17.86 -14.73 -31.80
C THR A 349 16.92 -15.47 -32.74
N PRO A 350 17.11 -15.35 -34.05
CA PRO A 350 16.19 -15.95 -35.00
C PRO A 350 16.15 -17.46 -34.87
N PRO A 351 15.14 -18.11 -35.43
CA PRO A 351 15.11 -19.58 -35.40
C PRO A 351 16.31 -20.18 -36.11
N GLU A 352 16.77 -21.33 -35.61
CA GLU A 352 17.94 -21.96 -36.20
C GLU A 352 17.58 -22.74 -37.45
N HIS A 353 16.61 -23.65 -37.34
CA HIS A 353 16.34 -24.62 -38.39
C HIS A 353 15.01 -24.34 -39.08
N LYS A 354 14.87 -24.86 -40.29
CA LYS A 354 13.68 -24.64 -41.08
C LYS A 354 12.51 -25.47 -40.54
N SER A 355 11.30 -24.91 -40.62
CA SER A 355 10.09 -25.60 -40.25
C SER A 355 9.04 -25.38 -41.34
N ASP A 356 7.84 -25.92 -41.10
CA ASP A 356 6.78 -25.82 -42.10
C ASP A 356 6.33 -24.38 -42.29
N ILE A 357 6.31 -23.59 -41.22
CA ILE A 357 5.85 -22.21 -41.28
C ILE A 357 7.00 -21.30 -41.73
N PRO A 358 6.75 -20.36 -42.64
CA PRO A 358 7.83 -19.57 -43.23
C PRO A 358 8.53 -18.71 -42.19
N PRO A 359 9.73 -18.24 -42.48
CA PRO A 359 10.45 -17.43 -41.50
C PRO A 359 9.80 -16.07 -41.35
N PRO A 360 9.98 -15.43 -40.20
CA PRO A 360 9.42 -14.08 -40.03
C PRO A 360 10.18 -13.07 -40.87
N PRO A 361 9.49 -12.11 -41.48
CA PRO A 361 10.20 -11.07 -42.24
C PRO A 361 11.23 -10.33 -41.42
N ASP A 362 11.00 -10.20 -40.12
CA ASP A 362 11.96 -9.61 -39.21
C ASP A 362 12.79 -10.70 -38.53
N GLY A 363 13.90 -10.28 -37.91
CA GLY A 363 14.83 -11.20 -37.29
C GLY A 363 14.38 -11.77 -35.96
N GLY A 364 13.16 -11.47 -35.53
CA GLY A 364 12.73 -11.90 -34.22
C GLY A 364 12.39 -13.38 -34.15
N ALA A 365 12.28 -13.87 -32.92
CA ALA A 365 11.86 -15.23 -32.66
C ALA A 365 10.35 -15.33 -32.58
N LEU A 366 9.82 -16.53 -32.83
CA LEU A 366 8.39 -16.74 -32.84
C LEU A 366 7.82 -16.84 -31.43
N ALA A 367 6.52 -16.70 -31.32
CA ALA A 367 5.84 -16.80 -30.04
C ALA A 367 4.37 -17.11 -30.26
N ILE A 368 3.72 -17.58 -29.21
CA ILE A 368 2.29 -17.84 -29.20
C ILE A 368 1.68 -17.02 -28.08
N VAL A 369 0.54 -16.40 -28.36
CA VAL A 369 -0.15 -15.57 -27.37
C VAL A 369 -1.03 -16.46 -26.50
N THR A 370 -1.15 -16.10 -25.22
CA THR A 370 -1.98 -16.84 -24.29
C THR A 370 -3.12 -16.00 -23.71
N LYS A 371 -2.81 -14.85 -23.13
CA LYS A 371 -3.83 -13.98 -22.55
C LYS A 371 -3.63 -12.55 -23.05
N THR A 372 -4.72 -11.80 -23.10
CA THR A 372 -4.70 -10.44 -23.62
C THR A 372 -5.47 -9.51 -22.70
N GLY A 373 -5.01 -8.26 -22.64
CA GLY A 373 -5.80 -7.22 -22.00
C GLY A 373 -5.60 -7.19 -20.51
N PHE A 374 -6.71 -7.16 -19.77
CA PHE A 374 -6.68 -7.04 -18.31
C PHE A 374 -6.43 -8.37 -17.60
N GLU A 375 -6.53 -9.50 -18.30
CA GLU A 375 -6.39 -10.80 -17.66
C GLU A 375 -4.95 -11.28 -17.54
N THR A 376 -4.00 -10.57 -18.14
CA THR A 376 -2.60 -10.89 -17.90
C THR A 376 -2.23 -10.51 -16.47
N SER A 377 -1.02 -10.90 -16.05
CA SER A 377 -0.62 -10.70 -14.66
C SER A 377 -0.57 -9.20 -14.33
N GLN A 378 0.20 -8.43 -15.08
CA GLN A 378 0.27 -7.00 -14.85
C GLN A 378 -1.10 -6.36 -14.99
N GLY A 379 -1.90 -6.82 -15.95
CA GLY A 379 -3.23 -6.25 -16.14
C GLY A 379 -4.15 -6.54 -14.97
N SER A 380 -4.13 -7.78 -14.46
CA SER A 380 -4.96 -8.09 -13.32
C SER A 380 -4.53 -7.30 -12.10
N LEU A 381 -3.22 -7.12 -11.92
CA LEU A 381 -2.75 -6.31 -10.79
C LEU A 381 -3.17 -4.86 -10.93
N VAL A 382 -3.15 -4.31 -12.14
CA VAL A 382 -3.60 -2.94 -12.33
C VAL A 382 -5.09 -2.82 -12.06
N ARG A 383 -5.88 -3.79 -12.50
CA ARG A 383 -7.31 -3.77 -12.24
C ARG A 383 -7.59 -3.80 -10.75
N VAL A 384 -6.91 -4.68 -10.02
CA VAL A 384 -7.12 -4.77 -8.58
C VAL A 384 -6.68 -3.48 -7.89
N MET A 385 -5.59 -2.87 -8.36
CA MET A 385 -5.15 -1.61 -7.77
C MET A 385 -6.16 -0.50 -7.99
N ILE A 386 -6.75 -0.43 -9.19
CA ILE A 386 -7.60 0.71 -9.51
C ILE A 386 -9.00 0.55 -8.92
N TYR A 387 -9.62 -0.61 -9.10
CA TYR A 387 -11.02 -0.77 -8.75
C TYR A 387 -11.26 -1.44 -7.41
N SER A 388 -10.74 -2.64 -7.20
CA SER A 388 -11.09 -3.44 -6.03
C SER A 388 -10.30 -3.06 -4.79
N ALA A 389 -9.53 -1.98 -4.82
CA ALA A 389 -8.79 -1.57 -3.64
C ALA A 389 -9.76 -1.16 -2.54
N GLU A 390 -9.30 -1.27 -1.29
CA GLU A 390 -10.11 -0.93 -0.13
C GLU A 390 -9.74 0.46 0.36
N ARG A 391 -10.77 1.27 0.62
CA ARG A 391 -10.55 2.62 1.12
C ARG A 391 -10.14 2.56 2.59
N VAL A 392 -9.62 3.70 3.08
CA VAL A 392 -9.24 3.79 4.48
C VAL A 392 -10.50 3.96 5.32
N SER A 393 -10.63 3.14 6.37
CA SER A 393 -11.77 3.18 7.29
C SER A 393 -13.10 3.09 6.56
N VAL A 394 -13.28 1.94 5.87
CA VAL A 394 -14.51 1.72 5.13
C VAL A 394 -15.69 1.47 6.07
N ASP A 395 -15.45 0.79 7.18
CA ASP A 395 -16.54 0.49 8.11
C ASP A 395 -17.15 1.78 8.66
N ASN A 396 -16.31 2.67 9.17
CA ASN A 396 -16.72 4.04 9.53
C ASN A 396 -17.81 4.01 10.60
N LYS A 397 -17.70 3.08 11.55
CA LYS A 397 -18.70 2.98 12.62
C LYS A 397 -18.38 3.93 13.77
N GLU A 398 -17.08 4.10 14.08
CA GLU A 398 -16.71 4.94 15.21
C GLU A 398 -17.10 6.39 14.98
N ALA A 399 -16.95 6.88 13.75
CA ALA A 399 -17.33 8.25 13.46
C ALA A 399 -18.83 8.45 13.60
N LEU A 400 -19.63 7.47 13.18
CA LEU A 400 -21.07 7.58 13.34
C LEU A 400 -21.49 7.54 14.81
N MET A 401 -20.82 6.70 15.61
CA MET A 401 -21.10 6.72 17.05
C MET A 401 -20.73 8.06 17.66
N PHE A 402 -19.61 8.63 17.22
CA PHE A 402 -19.15 9.93 17.72
C PHE A 402 -20.16 11.02 17.37
N ILE A 403 -20.66 11.01 16.13
CA ILE A 403 -21.63 12.01 15.70
C ILE A 403 -22.95 11.83 16.44
N LEU A 404 -23.33 10.59 16.74
CA LEU A 404 -24.53 10.38 17.54
C LEU A 404 -24.35 10.94 18.95
N PHE A 405 -23.17 10.77 19.53
CA PHE A 405 -22.83 11.40 20.80
C PHE A 405 -23.05 12.91 20.74
N LEU A 406 -22.47 13.55 19.72
CA LEU A 406 -22.59 15.01 19.59
C LEU A 406 -24.04 15.43 19.41
N LEU A 407 -24.82 14.66 18.64
CA LEU A 407 -26.22 15.01 18.44
C LEU A 407 -27.00 14.89 19.74
N ILE A 408 -26.66 13.92 20.59
CA ILE A 408 -27.31 13.81 21.89
C ILE A 408 -27.05 15.08 22.70
N PHE A 409 -25.80 15.54 22.72
CA PHE A 409 -25.50 16.77 23.46
C PHE A 409 -26.30 17.95 22.90
N ALA A 410 -26.35 18.07 21.58
CA ALA A 410 -27.06 19.20 20.98
C ALA A 410 -28.54 19.17 21.29
N VAL A 411 -29.14 17.98 21.33
CA VAL A 411 -30.56 17.88 21.67
C VAL A 411 -30.78 18.29 23.12
N ILE A 412 -29.88 17.88 24.01
CA ILE A 412 -29.96 18.30 25.40
C ILE A 412 -29.98 19.83 25.49
N ALA A 413 -29.17 20.49 24.66
CA ALA A 413 -29.16 21.96 24.70
C ALA A 413 -30.43 22.56 24.07
N SER A 414 -30.86 22.00 22.94
CA SER A 414 -31.98 22.59 22.21
C SER A 414 -33.27 22.49 22.98
N TRP A 415 -33.44 21.45 23.81
CA TRP A 415 -34.66 21.39 24.61
C TRP A 415 -34.78 22.59 25.54
N TYR A 416 -33.70 22.93 26.23
CA TYR A 416 -33.73 24.09 27.11
C TYR A 416 -33.88 25.38 26.32
N VAL A 417 -33.27 25.45 25.13
CA VAL A 417 -33.49 26.62 24.28
C VAL A 417 -34.97 26.80 24.01
N TRP A 418 -35.66 25.72 23.64
CA TRP A 418 -37.08 25.82 23.35
C TRP A 418 -37.87 26.24 24.58
N VAL A 419 -37.55 25.65 25.73
CA VAL A 419 -38.29 25.99 26.94
C VAL A 419 -38.17 27.47 27.26
N GLU A 420 -36.94 27.99 27.24
CA GLU A 420 -36.75 29.40 27.57
C GLU A 420 -37.37 30.30 26.53
N GLY A 421 -37.30 29.92 25.25
CA GLY A 421 -37.88 30.75 24.21
C GLY A 421 -39.39 30.82 24.31
N THR A 422 -40.04 29.70 24.66
CA THR A 422 -41.47 29.72 24.86
C THR A 422 -41.84 30.51 26.11
N LYS A 423 -41.00 30.43 27.15
CA LYS A 423 -41.30 31.15 28.37
C LYS A 423 -41.17 32.67 28.20
N MET A 424 -40.20 33.10 27.39
CA MET A 424 -39.99 34.54 27.18
C MET A 424 -40.90 35.12 26.11
N GLY A 425 -42.00 34.47 25.78
CA GLY A 425 -43.02 35.06 24.96
C GLY A 425 -42.76 35.08 23.47
N ARG A 426 -41.71 34.41 23.00
CA ARG A 426 -41.38 34.44 21.59
C ARG A 426 -42.25 33.46 20.81
N ILE A 427 -42.50 33.79 19.54
CA ILE A 427 -43.34 32.95 18.69
C ILE A 427 -42.60 31.67 18.34
N GLN A 428 -43.32 30.55 18.35
CA GLN A 428 -42.69 29.25 18.11
C GLN A 428 -42.27 29.11 16.64
N SER A 429 -43.00 29.73 15.72
CA SER A 429 -42.69 29.61 14.30
C SER A 429 -41.27 30.08 14.00
N LYS A 430 -40.76 31.03 14.78
CA LYS A 430 -39.38 31.47 14.63
C LYS A 430 -38.44 30.79 15.61
N LEU A 431 -38.97 30.13 16.64
CA LEU A 431 -38.10 29.44 17.58
C LEU A 431 -37.65 28.09 17.05
N ILE A 432 -38.52 27.41 16.29
CA ILE A 432 -38.15 26.10 15.76
C ILE A 432 -36.95 26.20 14.84
N LEU A 433 -36.83 27.33 14.13
CA LEU A 433 -35.67 27.52 13.25
C LEU A 433 -34.40 27.67 14.06
N ASP A 434 -34.46 28.34 15.22
CA ASP A 434 -33.28 28.45 16.06
C ASP A 434 -32.87 27.09 16.60
N CYS A 435 -33.84 26.29 17.03
CA CYS A 435 -33.53 24.94 17.49
C CYS A 435 -32.83 24.14 16.39
N ILE A 436 -33.38 24.19 15.18
CA ILE A 436 -32.78 23.44 14.08
C ILE A 436 -31.38 23.96 13.78
N LEU A 437 -31.18 25.28 13.86
CA LEU A 437 -29.84 25.84 13.63
C LEU A 437 -28.83 25.27 14.62
N ILE A 438 -29.20 25.23 15.90
CA ILE A 438 -28.29 24.66 16.89
C ILE A 438 -27.96 23.21 16.56
N ILE A 439 -29.01 22.41 16.32
CA ILE A 439 -28.81 20.97 16.12
C ILE A 439 -27.95 20.70 14.89
N THR A 440 -28.17 21.45 13.81
CA THR A 440 -27.35 21.28 12.62
C THR A 440 -25.99 21.94 12.75
N SER A 441 -25.81 22.85 13.71
CA SER A 441 -24.51 23.48 13.89
C SER A 441 -23.56 22.60 14.67
N VAL A 442 -24.09 21.75 15.55
CA VAL A 442 -23.18 20.94 16.37
C VAL A 442 -22.35 19.98 15.52
N VAL A 443 -22.88 19.57 14.37
CA VAL A 443 -22.31 18.45 13.61
C VAL A 443 -21.10 18.89 12.78
N PRO A 444 -19.94 18.27 12.98
CA PRO A 444 -18.78 18.58 12.15
C PRO A 444 -18.82 17.78 10.87
N PRO A 445 -18.76 18.46 9.72
CA PRO A 445 -18.87 17.73 8.45
C PRO A 445 -17.58 17.04 8.01
N GLU A 446 -16.43 17.65 8.30
CA GLU A 446 -15.16 17.11 7.81
C GLU A 446 -14.71 15.87 8.56
N LEU A 447 -15.47 15.40 9.53
CA LEU A 447 -15.00 14.31 10.39
C LEU A 447 -14.83 12.98 9.66
N PRO A 448 -15.79 12.49 8.86
CA PRO A 448 -15.58 11.17 8.24
C PRO A 448 -14.48 11.16 7.20
N MET A 449 -14.28 12.27 6.50
CA MET A 449 -13.23 12.38 5.49
C MET A 449 -11.90 12.83 6.07
N GLU A 450 -11.66 12.56 7.35
CA GLU A 450 -10.49 13.10 8.03
C GLU A 450 -9.21 12.37 7.62
N LEU A 451 -9.18 11.05 7.84
CA LEU A 451 -7.92 10.32 7.74
C LEU A 451 -7.41 10.25 6.30
N THR A 452 -8.32 10.34 5.32
CA THR A 452 -7.92 10.25 3.92
C THR A 452 -6.98 11.39 3.54
N MET A 453 -7.31 12.61 3.98
CA MET A 453 -6.45 13.74 3.67
C MET A 453 -5.07 13.60 4.32
N ALA A 454 -5.04 13.08 5.54
CA ALA A 454 -3.76 12.85 6.20
C ALA A 454 -2.92 11.85 5.44
N VAL A 455 -3.54 10.75 4.98
CA VAL A 455 -2.79 9.75 4.24
C VAL A 455 -2.28 10.30 2.92
N ASN A 456 -3.10 11.12 2.24
CA ASN A 456 -2.65 11.71 0.99
C ASN A 456 -1.49 12.67 1.20
N SER A 457 -1.56 13.47 2.27
CA SER A 457 -0.44 14.36 2.58
C SER A 457 0.82 13.56 2.89
N SER A 458 0.68 12.45 3.61
CA SER A 458 1.85 11.64 3.92
C SER A 458 2.45 11.02 2.66
N LEU A 459 1.60 10.59 1.72
CA LEU A 459 2.11 10.05 0.46
C LEU A 459 2.86 11.12 -0.31
N ALA A 460 2.32 12.34 -0.37
CA ALA A 460 2.99 13.42 -1.08
C ALA A 460 4.32 13.77 -0.42
N ALA A 461 4.39 13.65 0.91
CA ALA A 461 5.64 13.92 1.60
C ALA A 461 6.66 12.82 1.34
N LEU A 462 6.19 11.56 1.26
CA LEU A 462 7.10 10.45 1.02
C LEU A 462 7.70 10.50 -0.36
N ALA A 463 6.86 10.70 -1.39
CA ALA A 463 7.32 10.63 -2.77
C ALA A 463 8.51 11.55 -3.05
N LYS A 464 8.81 12.47 -2.14
CA LYS A 464 10.00 13.31 -2.31
C LYS A 464 11.27 12.55 -1.98
N PHE A 465 11.16 11.43 -1.28
CA PHE A 465 12.30 10.57 -0.97
C PHE A 465 12.36 9.33 -1.86
N TYR A 466 11.67 9.37 -2.99
CA TYR A 466 11.66 8.27 -3.97
C TYR A 466 11.12 6.98 -3.37
N VAL A 467 10.20 7.09 -2.41
CA VAL A 467 9.51 5.94 -1.86
C VAL A 467 8.07 5.98 -2.36
N TYR A 468 7.81 5.30 -3.46
CA TYR A 468 6.52 5.35 -4.12
C TYR A 468 5.58 4.32 -3.52
N CYS A 469 4.31 4.66 -3.43
CA CYS A 469 3.30 3.80 -2.84
C CYS A 469 2.32 3.35 -3.91
N THR A 470 2.00 2.06 -3.92
CA THR A 470 1.01 1.52 -4.84
C THR A 470 -0.37 1.39 -4.18
N GLU A 471 -0.42 0.79 -3.00
CA GLU A 471 -1.67 0.68 -2.25
C GLU A 471 -1.61 1.58 -1.02
N PRO A 472 -2.42 2.63 -0.96
CA PRO A 472 -2.23 3.64 0.09
C PRO A 472 -2.81 3.26 1.44
N PHE A 473 -3.82 2.40 1.47
CA PHE A 473 -4.50 2.13 2.73
C PHE A 473 -3.64 1.33 3.72
N ARG A 474 -2.41 0.98 3.34
CA ARG A 474 -1.51 0.29 4.25
C ARG A 474 -0.71 1.23 5.13
N ILE A 475 -0.79 2.55 4.90
CA ILE A 475 0.03 3.49 5.67
C ILE A 475 -0.29 3.46 7.16
N PRO A 476 -1.56 3.52 7.59
CA PRO A 476 -1.82 3.43 9.03
C PRO A 476 -1.27 2.18 9.69
N PHE A 477 -1.08 1.09 8.94
CA PHE A 477 -0.43 -0.08 9.51
C PHE A 477 1.02 0.21 9.83
N ALA A 478 1.69 1.00 8.98
CA ALA A 478 3.11 1.27 9.17
C ALA A 478 3.37 2.12 10.40
N GLY A 479 2.34 2.78 10.94
CA GLY A 479 2.55 3.60 12.12
C GLY A 479 2.98 2.78 13.33
N ARG A 480 2.26 1.70 13.59
CA ARG A 480 2.52 0.85 14.74
C ARG A 480 2.83 -0.57 14.23
N ILE A 481 4.11 -0.86 14.07
CA ILE A 481 4.59 -2.15 13.60
C ILE A 481 5.26 -2.86 14.75
N ASP A 482 4.87 -4.11 14.98
CA ASP A 482 5.34 -4.81 16.18
C ASP A 482 6.68 -5.49 15.95
N VAL A 483 6.88 -6.11 14.80
CA VAL A 483 8.14 -6.76 14.46
C VAL A 483 8.42 -6.55 12.98
N CYS A 484 9.66 -6.26 12.63
CA CYS A 484 10.05 -5.99 11.26
C CYS A 484 11.27 -6.82 10.90
N CYS A 485 11.21 -7.49 9.76
CA CYS A 485 12.22 -8.46 9.36
C CYS A 485 12.95 -7.99 8.10
N PHE A 486 14.16 -8.50 7.91
CA PHE A 486 15.05 -8.05 6.84
C PHE A 486 15.63 -9.23 6.09
N ASP A 487 16.04 -8.99 4.84
CA ASP A 487 16.84 -9.93 4.07
C ASP A 487 18.31 -9.54 4.17
N LYS A 488 19.20 -10.53 4.02
CA LYS A 488 20.60 -10.28 4.30
C LYS A 488 21.33 -9.67 3.10
N THR A 489 21.43 -10.39 1.99
CA THR A 489 22.23 -9.97 0.86
C THR A 489 21.36 -9.24 -0.15
N GLY A 490 21.78 -8.04 -0.55
CA GLY A 490 21.00 -7.17 -1.37
C GLY A 490 20.26 -6.10 -0.61
N THR A 491 19.99 -6.31 0.69
CA THR A 491 19.29 -5.34 1.51
C THR A 491 20.18 -4.78 2.61
N LEU A 492 20.77 -5.65 3.45
CA LEU A 492 21.67 -5.21 4.49
C LEU A 492 23.14 -5.20 4.07
N THR A 493 23.46 -5.74 2.89
CA THR A 493 24.83 -5.84 2.44
C THR A 493 24.94 -5.35 1.01
N GLY A 494 25.96 -4.53 0.75
CA GLY A 494 26.08 -3.88 -0.55
C GLY A 494 26.12 -4.88 -1.69
N GLU A 495 25.85 -4.36 -2.89
CA GLU A 495 25.77 -5.22 -4.07
C GLU A 495 27.15 -5.56 -4.60
N ASP A 496 28.08 -4.62 -4.53
CA ASP A 496 29.45 -4.89 -4.98
C ASP A 496 30.13 -5.87 -4.02
N LEU A 497 30.81 -6.87 -4.57
CA LEU A 497 31.44 -7.92 -3.79
C LEU A 497 32.89 -8.06 -4.21
N VAL A 498 33.79 -7.89 -3.26
CA VAL A 498 35.22 -8.04 -3.54
C VAL A 498 35.60 -9.51 -3.43
N PHE A 499 36.53 -9.93 -4.26
CA PHE A 499 36.98 -11.32 -4.35
C PHE A 499 38.25 -11.48 -3.53
N GLU A 500 38.26 -12.42 -2.59
CA GLU A 500 39.42 -12.59 -1.74
C GLU A 500 40.38 -13.65 -2.29
N GLY A 501 39.87 -14.80 -2.68
CA GLY A 501 40.71 -15.83 -3.26
C GLY A 501 40.07 -17.19 -3.16
N LEU A 502 40.77 -18.17 -3.73
CA LEU A 502 40.35 -19.57 -3.74
C LEU A 502 41.09 -20.32 -2.63
N ALA A 503 40.37 -21.24 -1.99
CA ALA A 503 40.92 -21.96 -0.84
C ALA A 503 40.61 -23.44 -0.96
N GLY A 504 41.46 -24.25 -0.36
CA GLY A 504 41.22 -25.67 -0.26
C GLY A 504 41.39 -26.46 -1.54
N ILE A 505 41.96 -25.86 -2.58
CA ILE A 505 42.11 -26.56 -3.85
C ILE A 505 43.17 -27.65 -3.74
N SER A 506 44.22 -27.41 -2.98
CA SER A 506 45.24 -28.43 -2.78
C SER A 506 44.72 -29.52 -1.84
N ALA A 507 45.20 -30.74 -2.05
CA ALA A 507 44.73 -31.89 -1.27
C ALA A 507 45.48 -32.07 0.04
N ASP A 508 46.77 -31.71 0.08
CA ASP A 508 47.56 -31.90 1.29
C ASP A 508 46.96 -31.13 2.46
N SER A 509 46.69 -29.84 2.26
CA SER A 509 46.01 -29.00 3.25
C SER A 509 46.77 -28.98 4.58
N GLU A 510 48.06 -28.63 4.51
CA GLU A 510 48.82 -28.47 5.74
C GLU A 510 48.33 -27.26 6.53
N ASN A 511 47.83 -26.23 5.85
CA ASN A 511 47.28 -25.05 6.48
C ASN A 511 45.80 -24.95 6.16
N ILE A 512 44.97 -24.77 7.18
CA ILE A 512 43.54 -24.71 6.96
C ILE A 512 43.16 -23.42 6.23
N ARG A 513 43.66 -22.29 6.70
CA ARG A 513 43.38 -21.00 6.06
C ARG A 513 44.52 -20.67 5.11
N HIS A 514 44.47 -21.30 3.93
CA HIS A 514 45.40 -21.00 2.85
C HIS A 514 44.61 -20.47 1.67
N LEU A 515 45.14 -19.43 1.02
CA LEU A 515 44.48 -18.79 -0.10
C LEU A 515 45.38 -18.81 -1.32
N TYR A 516 44.84 -19.25 -2.45
CA TYR A 516 45.51 -19.16 -3.74
C TYR A 516 44.92 -17.96 -4.47
N SER A 517 45.69 -16.87 -4.55
CA SER A 517 45.13 -15.62 -5.03
C SER A 517 44.66 -15.74 -6.48
N ALA A 518 45.58 -15.99 -7.40
CA ALA A 518 45.26 -16.06 -8.82
C ALA A 518 46.44 -16.63 -9.57
N ALA A 519 46.15 -17.37 -10.65
CA ALA A 519 47.19 -17.95 -11.50
C ALA A 519 48.16 -18.81 -10.71
N GLU A 520 47.72 -19.28 -9.53
CA GLU A 520 48.48 -20.22 -8.73
C GLU A 520 47.80 -21.56 -8.61
N ALA A 521 46.56 -21.68 -9.06
CA ALA A 521 45.80 -22.91 -9.13
C ALA A 521 46.01 -23.60 -10.46
N PRO A 522 45.81 -24.91 -10.52
CA PRO A 522 45.99 -25.63 -11.79
C PRO A 522 45.00 -25.22 -12.87
N GLU A 523 45.12 -25.84 -14.04
CA GLU A 523 44.25 -25.50 -15.16
C GLU A 523 42.80 -25.91 -14.90
N SER A 524 42.59 -26.94 -14.06
CA SER A 524 41.25 -27.45 -13.85
C SER A 524 40.31 -26.37 -13.35
N THR A 525 40.69 -25.69 -12.26
CA THR A 525 39.77 -24.73 -11.65
C THR A 525 39.63 -23.48 -12.49
N ILE A 526 40.71 -23.03 -13.14
CA ILE A 526 40.60 -21.84 -13.97
C ILE A 526 39.74 -22.12 -15.19
N LEU A 527 39.64 -23.38 -15.62
CA LEU A 527 38.66 -23.72 -16.65
C LEU A 527 37.26 -23.81 -16.07
N VAL A 528 37.14 -24.38 -14.86
CA VAL A 528 35.84 -24.58 -14.24
C VAL A 528 35.12 -23.24 -14.08
N ILE A 529 35.82 -22.22 -13.58
CA ILE A 529 35.15 -20.95 -13.35
C ILE A 529 34.74 -20.32 -14.68
N GLY A 530 35.50 -20.58 -15.74
CA GLY A 530 35.11 -20.05 -17.04
C GLY A 530 33.89 -20.74 -17.62
N ALA A 531 33.71 -22.02 -17.32
CA ALA A 531 32.62 -22.77 -17.93
C ALA A 531 31.28 -22.48 -17.26
N ALA A 532 31.27 -22.33 -15.93
CA ALA A 532 30.03 -22.26 -15.16
C ALA A 532 29.67 -20.81 -14.89
N HIS A 533 29.22 -20.11 -15.93
CA HIS A 533 28.82 -18.71 -15.81
C HIS A 533 27.62 -18.45 -16.70
N ALA A 534 26.85 -17.41 -16.35
CA ALA A 534 25.64 -17.05 -17.06
C ALA A 534 25.73 -15.71 -17.76
N LEU A 535 26.93 -15.13 -17.89
CA LEU A 535 27.09 -13.86 -18.57
C LEU A 535 26.92 -14.02 -20.08
N VAL A 536 26.50 -12.94 -20.74
CA VAL A 536 26.34 -12.92 -22.18
C VAL A 536 26.56 -11.50 -22.67
N LYS A 537 27.23 -11.37 -23.82
CA LYS A 537 27.52 -10.07 -24.42
C LYS A 537 26.44 -9.74 -25.43
N LEU A 538 25.79 -8.58 -25.24
CA LEU A 538 24.68 -8.20 -26.08
C LEU A 538 25.15 -7.83 -27.48
N GLU A 539 24.18 -7.51 -28.35
CA GLU A 539 24.49 -7.25 -29.75
C GLU A 539 25.36 -6.01 -29.91
N ASP A 540 24.93 -4.89 -29.34
CA ASP A 540 25.65 -3.63 -29.56
C ASP A 540 27.02 -3.63 -28.88
N GLY A 541 27.22 -4.51 -27.92
CA GLY A 541 28.48 -4.57 -27.22
C GLY A 541 28.35 -4.09 -25.79
N ASP A 542 28.25 -5.04 -24.86
CA ASP A 542 28.05 -4.76 -23.44
C ASP A 542 28.08 -6.11 -22.73
N ILE A 543 28.00 -6.06 -21.41
CA ILE A 543 28.02 -7.26 -20.58
C ILE A 543 26.96 -7.11 -19.50
N VAL A 544 26.01 -8.03 -19.47
CA VAL A 544 24.89 -7.98 -18.53
C VAL A 544 24.88 -9.26 -17.71
N GLY A 545 24.79 -9.12 -16.39
CA GLY A 545 24.77 -10.28 -15.53
C GLY A 545 24.83 -9.86 -14.07
N ASP A 546 25.01 -10.86 -13.22
CA ASP A 546 25.08 -10.61 -11.78
C ASP A 546 26.43 -9.97 -11.43
N PRO A 547 26.44 -9.01 -10.50
CA PRO A 547 27.71 -8.34 -10.17
C PRO A 547 28.76 -9.26 -9.57
N MET A 548 28.36 -10.19 -8.71
CA MET A 548 29.31 -11.14 -8.14
C MET A 548 30.00 -11.94 -9.21
N GLU A 549 29.22 -12.43 -10.17
CA GLU A 549 29.75 -13.26 -11.24
C GLU A 549 30.70 -12.46 -12.15
N LYS A 550 30.32 -11.23 -12.49
CA LYS A 550 31.22 -10.38 -13.26
C LYS A 550 32.51 -10.12 -12.49
N ALA A 551 32.40 -9.89 -11.19
CA ALA A 551 33.57 -9.61 -10.38
C ALA A 551 34.53 -10.79 -10.39
N THR A 552 34.03 -11.99 -10.15
CA THR A 552 34.92 -13.16 -10.12
C THR A 552 35.49 -13.46 -11.50
N LEU A 553 34.67 -13.27 -12.55
CA LEU A 553 35.15 -13.56 -13.90
C LEU A 553 36.22 -12.57 -14.32
N LYS A 554 36.12 -11.33 -13.88
CA LYS A 554 37.17 -10.36 -14.19
C LYS A 554 38.42 -10.63 -13.36
N ALA A 555 38.25 -10.92 -12.07
CA ALA A 555 39.42 -11.12 -11.21
C ALA A 555 40.23 -12.33 -11.64
N VAL A 556 39.56 -13.39 -12.11
CA VAL A 556 40.29 -14.56 -12.58
C VAL A 556 40.99 -14.25 -13.91
N GLY A 557 40.33 -13.51 -14.79
CA GLY A 557 40.97 -13.07 -16.01
C GLY A 557 40.32 -13.51 -17.29
N TRP A 558 39.04 -13.91 -17.23
CA TRP A 558 38.35 -14.29 -18.44
C TRP A 558 37.86 -13.05 -19.19
N ALA A 559 37.34 -13.28 -20.39
CA ALA A 559 36.74 -12.23 -21.19
C ALA A 559 35.69 -12.87 -22.08
N VAL A 560 34.47 -12.32 -22.05
CA VAL A 560 33.33 -12.90 -22.76
C VAL A 560 33.17 -12.19 -24.10
N GLU A 561 32.99 -12.98 -25.15
CA GLU A 561 32.85 -12.44 -26.50
C GLU A 561 31.38 -12.32 -26.88
N ARG A 562 31.13 -11.86 -28.10
CA ARG A 562 29.76 -11.67 -28.55
C ARG A 562 29.00 -12.99 -28.59
N LYS A 563 29.58 -14.00 -29.23
CA LYS A 563 28.98 -15.33 -29.23
C LYS A 563 29.11 -15.96 -27.84
N ASN A 564 28.62 -17.19 -27.72
CA ASN A 564 28.74 -17.89 -26.44
C ASN A 564 30.18 -18.05 -26.01
N SER A 565 31.09 -18.22 -26.97
CA SER A 565 32.49 -18.52 -26.66
C SER A 565 33.14 -17.36 -25.91
N ASN A 566 33.61 -17.62 -24.71
CA ASN A 566 34.41 -16.67 -23.95
C ASN A 566 35.84 -17.21 -23.88
N TYR A 567 36.79 -16.43 -24.37
CA TYR A 567 38.13 -16.93 -24.62
C TYR A 567 39.13 -15.81 -24.31
N ARG A 568 40.35 -15.97 -24.82
CA ARG A 568 41.39 -14.96 -24.74
C ARG A 568 41.78 -14.67 -23.30
N GLU A 569 41.77 -15.71 -22.47
CA GLU A 569 42.30 -15.62 -21.12
C GLU A 569 43.77 -16.01 -21.05
N GLY A 570 44.44 -16.18 -22.19
CA GLY A 570 45.78 -16.69 -22.22
C GLY A 570 45.90 -18.18 -22.04
N THR A 571 44.79 -18.91 -22.05
CA THR A 571 44.80 -20.35 -21.83
C THR A 571 44.06 -21.16 -22.89
N GLY A 572 43.23 -20.53 -23.71
CA GLY A 572 42.54 -21.26 -24.75
C GLY A 572 41.25 -20.56 -25.14
N LYS A 573 40.45 -21.26 -25.93
CA LYS A 573 39.16 -20.78 -26.39
C LYS A 573 38.08 -21.70 -25.86
N LEU A 574 37.20 -21.15 -25.02
CA LEU A 574 36.15 -21.93 -24.37
C LEU A 574 34.79 -21.41 -24.79
N ASP A 575 33.86 -22.32 -25.06
CA ASP A 575 32.50 -21.97 -25.45
C ASP A 575 31.50 -22.82 -24.68
N ILE A 576 30.33 -22.26 -24.43
CA ILE A 576 29.29 -22.90 -23.63
C ILE A 576 28.25 -23.50 -24.57
N ILE A 577 28.06 -24.81 -24.48
CA ILE A 577 27.10 -25.49 -25.34
C ILE A 577 25.69 -25.30 -24.83
N ARG A 578 25.41 -25.79 -23.63
CA ARG A 578 24.07 -25.68 -23.04
C ARG A 578 24.23 -25.46 -21.55
N ARG A 579 23.29 -24.73 -20.97
CA ARG A 579 23.36 -24.38 -19.56
C ARG A 579 22.02 -24.61 -18.88
N PHE A 580 22.07 -24.91 -17.59
CA PHE A 580 20.90 -25.17 -16.77
C PHE A 580 20.65 -23.99 -15.86
N GLN A 581 19.38 -23.70 -15.59
CA GLN A 581 19.03 -22.51 -14.84
C GLN A 581 19.23 -22.73 -13.35
N PHE A 582 19.55 -21.63 -12.66
CA PHE A 582 19.65 -21.63 -11.20
C PHE A 582 18.27 -21.42 -10.60
N SER A 583 18.07 -21.98 -9.41
CA SER A 583 16.81 -21.83 -8.70
C SER A 583 17.10 -21.52 -7.23
N SER A 584 16.07 -21.04 -6.53
CA SER A 584 16.19 -20.85 -5.10
C SER A 584 16.13 -22.18 -4.37
N ALA A 585 15.20 -23.06 -4.76
CA ALA A 585 15.06 -24.33 -4.08
C ALA A 585 16.23 -25.26 -4.38
N LEU A 586 16.84 -25.11 -5.55
CA LEU A 586 18.03 -25.86 -5.92
C LEU A 586 19.23 -24.94 -5.78
N LYS A 587 20.05 -25.16 -4.76
CA LYS A 587 21.21 -24.30 -4.56
C LYS A 587 22.38 -24.73 -5.43
N ARG A 588 22.15 -24.85 -6.73
CA ARG A 588 23.20 -25.29 -7.64
C ARG A 588 22.89 -24.82 -9.05
N SER A 589 23.95 -24.53 -9.80
CA SER A 589 23.87 -24.15 -11.20
C SER A 589 24.92 -24.92 -11.98
N ALA A 590 24.57 -25.37 -13.18
CA ALA A 590 25.45 -26.22 -13.95
C ALA A 590 25.49 -25.76 -15.40
N SER A 591 26.64 -25.94 -16.02
CA SER A 591 26.84 -25.60 -17.42
C SER A 591 27.72 -26.67 -18.05
N ILE A 592 27.47 -26.95 -19.33
CA ILE A 592 28.27 -27.89 -20.11
C ILE A 592 29.10 -27.09 -21.09
N ALA A 593 30.40 -27.35 -21.11
CA ALA A 593 31.33 -26.59 -21.94
C ALA A 593 32.05 -27.54 -22.88
N SER A 594 32.93 -26.98 -23.70
CA SER A 594 33.76 -27.76 -24.60
C SER A 594 35.07 -27.05 -24.78
N HIS A 595 36.15 -27.81 -24.85
CA HIS A 595 37.48 -27.25 -25.01
C HIS A 595 38.08 -27.74 -26.31
N ASN A 596 39.27 -27.21 -26.63
CA ASN A 596 39.94 -27.60 -27.88
C ASN A 596 40.24 -29.08 -27.91
N ASP A 597 40.48 -29.69 -26.74
CA ASP A 597 40.78 -31.12 -26.69
C ASP A 597 39.51 -31.96 -26.56
N ALA A 598 38.73 -31.72 -25.52
CA ALA A 598 37.61 -32.60 -25.19
C ALA A 598 36.50 -31.76 -24.57
N LEU A 599 35.56 -32.45 -23.91
CA LEU A 599 34.35 -31.84 -23.38
C LEU A 599 34.23 -32.20 -21.91
N PHE A 600 33.71 -31.28 -21.10
CA PHE A 600 33.54 -31.52 -19.67
C PHE A 600 32.25 -30.85 -19.21
N ALA A 601 32.00 -30.90 -17.91
CA ALA A 601 30.79 -30.35 -17.32
C ALA A 601 31.14 -29.68 -16.00
N ALA A 602 30.66 -28.46 -15.80
CA ALA A 602 30.96 -27.70 -14.60
C ALA A 602 29.71 -27.50 -13.76
N VAL A 603 29.90 -27.42 -12.45
CA VAL A 603 28.83 -27.25 -11.48
C VAL A 603 29.30 -26.23 -10.45
N LYS A 604 28.38 -25.43 -9.93
CA LYS A 604 28.73 -24.38 -8.97
C LYS A 604 27.52 -24.15 -8.08
N GLY A 605 27.65 -24.45 -6.79
CA GLY A 605 26.52 -24.32 -5.90
C GLY A 605 26.96 -24.27 -4.45
N ALA A 606 25.98 -24.27 -3.57
CA ALA A 606 26.26 -24.19 -2.14
C ALA A 606 27.07 -25.40 -1.69
N PRO A 607 27.95 -25.23 -0.69
CA PRO A 607 28.84 -26.35 -0.33
C PRO A 607 28.13 -27.51 0.31
N GLU A 608 27.15 -27.25 1.19
CA GLU A 608 26.47 -28.34 1.89
C GLU A 608 25.77 -29.27 0.91
N THR A 609 25.22 -28.73 -0.18
CA THR A 609 24.54 -29.59 -1.14
C THR A 609 25.50 -30.22 -2.14
N ILE A 610 26.58 -29.53 -2.50
CA ILE A 610 27.54 -30.13 -3.42
C ILE A 610 28.29 -31.27 -2.76
N ARG A 611 28.45 -31.22 -1.44
CA ARG A 611 29.12 -32.33 -0.76
C ARG A 611 28.41 -33.66 -0.99
N GLU A 612 27.09 -33.63 -1.15
CA GLU A 612 26.32 -34.85 -1.36
C GLU A 612 26.24 -35.29 -2.81
N ARG A 613 27.03 -34.71 -3.70
CA ARG A 613 26.99 -35.08 -5.11
C ARG A 613 28.30 -35.68 -5.59
N LEU A 614 29.43 -35.04 -5.31
CA LEU A 614 30.70 -35.48 -5.84
C LEU A 614 31.09 -36.83 -5.27
N SER A 615 32.04 -37.48 -5.93
CA SER A 615 32.42 -38.84 -5.55
C SER A 615 33.46 -38.83 -4.44
N ASP A 616 34.58 -38.17 -4.66
CA ASP A 616 35.66 -38.15 -3.68
C ASP A 616 35.45 -37.00 -2.70
N ILE A 617 35.07 -37.35 -1.47
CA ILE A 617 34.95 -36.35 -0.40
C ILE A 617 36.35 -36.05 0.12
N PRO A 618 36.82 -34.81 -0.01
CA PRO A 618 38.15 -34.47 0.49
C PRO A 618 38.23 -34.64 2.01
N LYS A 619 39.46 -34.68 2.50
CA LYS A 619 39.67 -34.90 3.93
C LYS A 619 39.35 -33.65 4.75
N ASN A 620 39.68 -32.48 4.22
CA ASN A 620 39.48 -31.23 4.94
C ASN A 620 38.34 -30.38 4.38
N TYR A 621 37.49 -30.97 3.54
CA TYR A 621 36.37 -30.22 2.97
C TYR A 621 35.41 -29.76 4.08
N ASP A 622 35.15 -30.62 5.05
CA ASP A 622 34.23 -30.25 6.13
C ASP A 622 34.79 -29.10 6.95
N GLU A 623 36.11 -29.05 7.13
CA GLU A 623 36.68 -28.11 8.08
C GLU A 623 37.00 -26.76 7.43
N ILE A 624 37.42 -26.76 6.17
CA ILE A 624 37.90 -25.53 5.56
C ILE A 624 36.77 -24.52 5.42
N TYR A 625 35.63 -24.95 4.90
CA TYR A 625 34.55 -23.99 4.67
C TYR A 625 33.91 -23.53 5.97
N LYS A 626 33.93 -24.36 7.02
CA LYS A 626 33.48 -23.86 8.32
C LYS A 626 34.47 -22.86 8.89
N SER A 627 35.78 -23.11 8.74
CA SER A 627 36.75 -22.20 9.31
C SER A 627 36.79 -20.87 8.55
N PHE A 628 36.41 -20.89 7.27
CA PHE A 628 36.37 -19.64 6.52
C PHE A 628 35.04 -18.92 6.67
N THR A 629 33.94 -19.65 6.85
CA THR A 629 32.65 -18.98 6.97
C THR A 629 32.50 -18.28 8.31
N ARG A 630 33.28 -18.68 9.32
CA ARG A 630 33.12 -18.13 10.65
C ARG A 630 33.27 -16.61 10.68
N SER A 631 34.10 -16.06 9.80
CA SER A 631 34.40 -14.64 9.80
C SER A 631 33.95 -14.02 8.49
N GLY A 632 32.68 -13.63 8.41
CA GLY A 632 32.21 -12.79 7.34
C GLY A 632 32.08 -13.39 5.95
N SER A 633 33.11 -14.10 5.51
CA SER A 633 33.23 -14.49 4.12
C SER A 633 32.01 -15.27 3.64
N ARG A 634 31.82 -15.26 2.33
CA ARG A 634 30.78 -16.04 1.66
C ARG A 634 31.47 -17.07 0.77
N VAL A 635 30.97 -18.30 0.77
CA VAL A 635 31.66 -19.40 0.09
C VAL A 635 30.72 -20.11 -0.86
N LEU A 636 31.25 -20.50 -2.01
CA LEU A 636 30.59 -21.36 -2.99
C LEU A 636 31.55 -22.48 -3.37
N ALA A 637 31.02 -23.54 -3.95
CA ALA A 637 31.82 -24.72 -4.30
C ALA A 637 31.86 -24.88 -5.81
N LEU A 638 32.94 -25.51 -6.30
CA LEU A 638 33.15 -25.74 -7.72
C LEU A 638 33.55 -27.19 -7.95
N ALA A 639 32.86 -27.86 -8.86
CA ALA A 639 33.17 -29.25 -9.18
C ALA A 639 32.96 -29.49 -10.66
N SER A 640 33.81 -30.32 -11.25
CA SER A 640 33.74 -30.61 -12.68
C SER A 640 33.96 -32.10 -12.92
N LYS A 641 33.41 -32.60 -14.01
CA LYS A 641 33.55 -33.99 -14.42
C LYS A 641 33.81 -34.06 -15.92
N SER A 642 34.77 -34.86 -16.32
CA SER A 642 35.06 -35.05 -17.74
C SER A 642 34.01 -35.97 -18.35
N LEU A 643 33.60 -35.65 -19.57
CA LEU A 643 32.48 -36.34 -20.20
C LEU A 643 32.72 -36.53 -21.69
N PRO A 644 32.77 -37.76 -22.18
CA PRO A 644 33.00 -37.99 -23.60
C PRO A 644 31.76 -37.77 -24.43
N LYS A 645 31.97 -37.55 -25.72
CA LYS A 645 30.88 -37.28 -26.66
C LYS A 645 29.89 -38.43 -26.73
N ASP A 653 21.62 -33.37 -26.05
CA ASP A 653 20.38 -33.32 -25.30
C ASP A 653 20.28 -34.50 -24.34
N LEU A 654 20.35 -34.21 -23.04
CA LEU A 654 20.31 -35.24 -22.01
C LEU A 654 19.66 -34.66 -20.76
N ASN A 655 19.44 -35.51 -19.77
CA ASN A 655 18.70 -35.12 -18.58
C ASN A 655 19.56 -34.23 -17.69
N ARG A 656 19.07 -33.97 -16.47
CA ARG A 656 19.82 -33.20 -15.50
C ARG A 656 20.51 -34.06 -14.44
N ASP A 657 19.86 -35.11 -13.97
CA ASP A 657 20.45 -35.93 -12.91
C ASP A 657 21.65 -36.75 -13.38
N ASP A 658 21.99 -36.67 -14.66
CA ASP A 658 23.13 -37.39 -15.21
C ASP A 658 24.40 -36.54 -15.20
N VAL A 659 24.28 -35.23 -15.41
CA VAL A 659 25.45 -34.38 -15.35
C VAL A 659 25.90 -34.17 -13.91
N GLU A 660 24.97 -34.08 -12.98
CA GLU A 660 25.27 -33.90 -11.57
C GLU A 660 25.18 -35.21 -10.80
N SER A 661 25.45 -36.34 -11.47
CA SER A 661 25.42 -37.63 -10.81
C SER A 661 26.57 -37.77 -9.82
N GLU A 662 27.80 -37.70 -10.32
CA GLU A 662 28.98 -37.75 -9.47
C GLU A 662 30.05 -36.86 -10.10
N LEU A 663 30.77 -36.13 -9.25
CA LEU A 663 31.68 -35.09 -9.74
C LEU A 663 33.07 -35.24 -9.15
N THR A 664 33.89 -34.21 -9.30
CA THR A 664 35.23 -34.18 -8.73
C THR A 664 35.51 -32.77 -8.24
N PHE A 665 36.11 -32.65 -7.06
CA PHE A 665 36.29 -31.35 -6.43
C PHE A 665 37.35 -30.53 -7.16
N ASN A 666 37.17 -29.20 -7.13
CA ASN A 666 38.11 -28.30 -7.79
C ASN A 666 38.53 -27.08 -7.00
N GLY A 667 37.78 -26.66 -5.98
CA GLY A 667 38.21 -25.55 -5.15
C GLY A 667 37.03 -24.75 -4.69
N PHE A 668 37.31 -23.81 -3.78
CA PHE A 668 36.31 -22.95 -3.17
C PHE A 668 36.43 -21.54 -3.72
N LEU A 669 35.34 -20.79 -3.62
CA LEU A 669 35.33 -19.36 -3.87
C LEU A 669 35.04 -18.65 -2.56
N ILE A 670 35.80 -17.61 -2.27
CA ILE A 670 35.67 -16.87 -1.02
C ILE A 670 35.48 -15.40 -1.35
N PHE A 671 34.27 -14.90 -1.12
CA PHE A 671 33.93 -13.51 -1.34
C PHE A 671 33.78 -12.79 -0.01
N HIS A 672 33.97 -11.48 -0.02
CA HIS A 672 33.77 -10.64 1.15
C HIS A 672 32.57 -9.75 0.93
N CYS A 673 31.74 -9.61 1.96
CA CYS A 673 30.51 -8.83 1.85
C CYS A 673 30.69 -7.52 2.59
N PRO A 674 30.66 -6.37 1.90
CA PRO A 674 30.79 -5.09 2.62
C PRO A 674 29.45 -4.53 3.08
N LEU A 675 29.39 -4.09 4.33
CA LEU A 675 28.16 -3.54 4.87
C LEU A 675 27.81 -2.22 4.20
N LYS A 676 26.51 -1.98 4.02
CA LYS A 676 26.05 -0.66 3.62
C LYS A 676 26.29 0.32 4.76
N ASP A 677 26.86 1.49 4.44
CA ASP A 677 27.15 2.47 5.47
C ASP A 677 25.88 2.96 6.17
N ASP A 678 24.73 2.79 5.52
CA ASP A 678 23.46 3.16 6.13
C ASP A 678 22.92 2.08 7.05
N ALA A 679 23.37 0.84 6.91
CA ALA A 679 22.73 -0.28 7.60
C ALA A 679 23.00 -0.27 9.10
N ILE A 680 24.12 0.34 9.53
CA ILE A 680 24.49 0.25 10.93
C ILE A 680 23.55 1.08 11.80
N GLU A 681 23.18 2.27 11.35
CA GLU A 681 22.46 3.21 12.21
C GLU A 681 20.96 2.91 12.27
N THR A 682 20.36 2.52 11.15
CA THR A 682 18.93 2.30 11.11
C THR A 682 18.51 1.18 12.04
N ILE A 683 19.30 0.11 12.13
CA ILE A 683 18.94 -1.00 13.00
C ILE A 683 19.04 -0.58 14.46
N LYS A 684 20.04 0.23 14.80
CA LYS A 684 20.12 0.73 16.18
C LYS A 684 18.92 1.61 16.49
N MET A 685 18.53 2.47 15.56
CA MET A 685 17.37 3.33 15.79
C MET A 685 16.11 2.51 15.96
N LEU A 686 15.97 1.44 15.18
CA LEU A 686 14.77 0.60 15.30
C LEU A 686 14.79 -0.20 16.60
N ASN A 687 15.97 -0.62 17.06
CA ASN A 687 16.05 -1.32 18.33
C ASN A 687 15.70 -0.39 19.49
N GLU A 688 16.10 0.88 19.39
CA GLU A 688 15.78 1.83 20.45
C GLU A 688 14.39 2.42 20.33
N SER A 689 13.71 2.23 19.19
CA SER A 689 12.40 2.80 18.96
C SER A 689 11.27 1.82 19.23
N SER A 690 11.47 0.86 20.13
CA SER A 690 10.43 -0.08 20.55
C SER A 690 9.94 -0.95 19.39
N HIS A 691 10.88 -1.41 18.56
CA HIS A 691 10.61 -2.40 17.53
C HIS A 691 11.61 -3.54 17.69
N ARG A 692 11.19 -4.74 17.32
CA ARG A 692 12.07 -5.90 17.30
C ARG A 692 12.37 -6.27 15.86
N SER A 693 13.64 -6.46 15.55
CA SER A 693 14.06 -6.73 14.19
C SER A 693 14.74 -8.09 14.11
N ILE A 694 14.35 -8.89 13.13
CA ILE A 694 14.92 -10.21 12.91
C ILE A 694 15.45 -10.26 11.48
N MET A 695 16.17 -11.34 11.18
CA MET A 695 16.82 -11.50 9.89
C MET A 695 16.41 -12.82 9.27
N ILE A 696 16.18 -12.81 7.96
CA ILE A 696 15.78 -13.99 7.21
C ILE A 696 16.63 -14.03 5.95
N THR A 697 17.49 -15.03 5.84
CA THR A 697 18.56 -15.02 4.85
C THR A 697 18.54 -16.32 4.07
N GLY A 698 19.59 -16.53 3.28
CA GLY A 698 19.74 -17.79 2.57
C GLY A 698 21.06 -18.49 2.84
N ASP A 699 22.05 -17.77 3.34
CA ASP A 699 23.37 -18.35 3.51
C ASP A 699 23.39 -19.29 4.70
N ASN A 700 24.51 -20.03 4.83
CA ASN A 700 24.67 -20.92 5.97
C ASN A 700 24.71 -20.11 7.26
N PRO A 701 24.25 -20.69 8.37
CA PRO A 701 24.01 -19.88 9.57
C PRO A 701 25.23 -19.17 10.13
N LEU A 702 26.44 -19.54 9.72
CA LEU A 702 27.62 -18.85 10.28
C LEU A 702 27.68 -17.40 9.82
N THR A 703 27.61 -17.17 8.51
CA THR A 703 27.62 -15.80 8.01
C THR A 703 26.40 -15.03 8.48
N ALA A 704 25.26 -15.70 8.56
CA ALA A 704 24.04 -15.04 9.04
C ALA A 704 24.24 -14.55 10.47
N VAL A 705 24.68 -15.42 11.37
CA VAL A 705 24.88 -15.02 12.75
C VAL A 705 25.94 -13.93 12.85
N HIS A 706 26.98 -14.01 12.02
CA HIS A 706 28.05 -13.02 12.10
C HIS A 706 27.56 -11.63 11.69
N VAL A 707 26.84 -11.55 10.57
CA VAL A 707 26.32 -10.25 10.16
C VAL A 707 25.29 -9.74 11.16
N ALA A 708 24.45 -10.64 11.70
CA ALA A 708 23.47 -10.22 12.69
C ALA A 708 24.15 -9.68 13.95
N LYS A 709 25.32 -10.23 14.29
CA LYS A 709 26.03 -9.73 15.46
C LYS A 709 26.74 -8.42 15.16
N GLU A 710 27.24 -8.26 13.92
CA GLU A 710 27.94 -7.02 13.58
C GLU A 710 26.97 -5.85 13.44
N VAL A 711 25.74 -6.10 13.00
CA VAL A 711 24.79 -5.01 12.86
C VAL A 711 24.17 -4.64 14.21
N GLY A 712 23.87 -5.63 15.04
CA GLY A 712 23.34 -5.35 16.36
C GLY A 712 22.01 -6.01 16.66
N ILE A 713 21.72 -7.13 15.99
CA ILE A 713 20.50 -7.87 16.27
C ILE A 713 20.69 -8.79 17.46
N VAL A 714 21.87 -9.42 17.57
CA VAL A 714 22.19 -10.32 18.68
C VAL A 714 23.48 -9.85 19.32
N PHE A 715 23.48 -9.75 20.65
CA PHE A 715 24.63 -9.20 21.37
C PHE A 715 25.61 -10.28 21.81
N GLY A 716 25.16 -11.22 22.63
CA GLY A 716 26.03 -12.21 23.23
C GLY A 716 26.23 -13.44 22.37
N GLU A 717 26.53 -14.55 23.04
CA GLU A 717 26.66 -15.82 22.36
C GLU A 717 25.33 -16.25 21.75
N THR A 718 25.42 -16.99 20.64
CA THR A 718 24.24 -17.46 19.93
C THR A 718 24.35 -18.96 19.71
N LEU A 719 23.21 -19.63 19.69
CA LEU A 719 23.13 -21.06 19.44
C LEU A 719 22.38 -21.34 18.14
N ILE A 720 22.72 -22.46 17.51
CA ILE A 720 22.22 -22.80 16.18
C ILE A 720 21.56 -24.16 16.24
N LEU A 721 20.48 -24.33 15.47
CA LEU A 721 19.82 -25.61 15.29
C LEU A 721 20.18 -26.17 13.92
N ASP A 722 20.37 -27.49 13.84
CA ASP A 722 20.66 -28.14 12.57
C ASP A 722 20.61 -29.64 12.77
N ARG A 723 20.78 -30.38 11.67
CA ARG A 723 20.81 -31.83 11.73
C ARG A 723 21.94 -32.30 12.63
N ALA A 724 21.70 -33.39 13.36
CA ALA A 724 22.72 -33.91 14.25
C ALA A 724 23.84 -34.59 13.47
N GLY A 725 23.48 -35.57 12.63
CA GLY A 725 24.46 -36.32 11.87
C GLY A 725 24.06 -36.41 10.42
N LYS A 726 24.94 -37.04 9.63
CA LYS A 726 24.71 -37.15 8.19
C LYS A 726 23.41 -37.89 7.91
N SER A 727 23.07 -38.87 8.74
CA SER A 727 21.81 -39.60 8.55
C SER A 727 20.62 -38.69 8.81
N ASP A 728 19.63 -38.76 7.91
CA ASP A 728 18.40 -37.98 8.04
C ASP A 728 17.50 -38.61 9.09
N ASP A 729 17.97 -38.54 10.34
CA ASP A 729 17.26 -39.13 11.47
C ASP A 729 16.36 -38.14 12.19
N ASN A 730 16.34 -36.89 11.75
CA ASN A 730 15.48 -35.86 12.35
C ASN A 730 15.75 -35.71 13.84
N GLN A 731 16.99 -35.36 14.18
CA GLN A 731 17.36 -35.05 15.56
C GLN A 731 18.19 -33.77 15.54
N LEU A 732 17.73 -32.76 16.29
CA LEU A 732 18.29 -31.43 16.23
C LEU A 732 19.24 -31.21 17.40
N LEU A 733 20.40 -30.61 17.13
CA LEU A 733 21.46 -30.45 18.10
C LEU A 733 21.80 -28.97 18.25
N PHE A 734 21.55 -28.42 19.44
CA PHE A 734 22.00 -27.07 19.75
C PHE A 734 23.52 -27.05 19.79
N ARG A 735 24.13 -26.27 18.92
CA ARG A 735 25.59 -26.25 18.81
C ARG A 735 26.07 -24.82 18.73
N ASP A 736 27.08 -24.49 19.54
CA ASP A 736 27.58 -23.13 19.60
C ASP A 736 28.27 -22.74 18.29
N VAL A 737 28.45 -21.44 18.11
CA VAL A 737 29.10 -20.94 16.90
C VAL A 737 30.56 -21.37 16.85
N GLU A 738 31.20 -21.49 18.03
CA GLU A 738 32.60 -21.87 18.10
C GLU A 738 32.79 -23.31 18.60
N GLU A 739 31.76 -24.14 18.49
CA GLU A 739 31.83 -25.56 18.78
C GLU A 739 32.24 -25.86 20.22
N THR A 740 32.10 -24.88 21.12
CA THR A 740 32.49 -25.08 22.51
C THR A 740 31.43 -25.87 23.27
N VAL A 741 30.16 -25.57 23.04
CA VAL A 741 29.06 -26.20 23.76
C VAL A 741 28.21 -26.98 22.77
N SER A 742 27.75 -28.16 23.19
CA SER A 742 26.88 -29.00 22.39
C SER A 742 25.76 -29.54 23.28
N ILE A 743 24.51 -29.27 22.90
CA ILE A 743 23.34 -29.65 23.69
C ILE A 743 22.37 -30.38 22.77
N PRO A 744 22.06 -31.64 23.01
CA PRO A 744 21.17 -32.39 22.10
C PRO A 744 19.70 -32.18 22.41
N PHE A 745 18.89 -32.30 21.35
CA PHE A 745 17.45 -32.17 21.43
C PHE A 745 16.81 -33.21 20.51
N ASP A 746 15.57 -33.59 20.82
CA ASP A 746 14.82 -34.52 20.00
C ASP A 746 13.43 -33.97 19.76
N PRO A 747 12.93 -34.02 18.52
CA PRO A 747 11.61 -33.42 18.25
C PRO A 747 10.46 -34.23 18.81
N SER A 748 10.62 -35.54 18.98
CA SER A 748 9.50 -36.38 19.41
C SER A 748 9.27 -36.26 20.91
N LYS A 749 10.33 -36.38 21.70
CA LYS A 749 10.20 -36.51 23.15
C LYS A 749 10.47 -35.20 23.89
N ASP A 750 11.64 -34.61 23.71
CA ASP A 750 12.06 -33.50 24.55
C ASP A 750 11.34 -32.21 24.20
N THR A 751 11.31 -31.30 25.16
CA THR A 751 10.73 -29.98 25.00
C THR A 751 11.73 -28.94 25.47
N PHE A 752 11.67 -27.75 24.86
CA PHE A 752 12.63 -26.70 25.16
C PHE A 752 12.57 -26.32 26.63
N ASP A 753 13.74 -26.26 27.26
CA ASP A 753 13.87 -25.76 28.62
C ASP A 753 14.06 -24.25 28.55
N HIS A 754 13.07 -23.50 29.03
CA HIS A 754 13.08 -22.05 28.86
C HIS A 754 14.29 -21.42 29.53
N SER A 755 14.49 -21.71 30.81
CA SER A 755 15.55 -21.05 31.57
C SER A 755 16.93 -21.46 31.08
N LYS A 756 17.09 -22.71 30.65
CA LYS A 756 18.40 -23.18 30.25
C LYS A 756 18.83 -22.60 28.91
N LEU A 757 17.90 -22.47 27.96
CA LEU A 757 18.24 -22.12 26.59
C LEU A 757 17.81 -20.71 26.20
N PHE A 758 16.54 -20.36 26.38
CA PHE A 758 16.03 -19.12 25.77
C PHE A 758 16.53 -17.88 26.48
N ASP A 759 16.80 -17.97 27.78
CA ASP A 759 17.19 -16.79 28.53
C ASP A 759 18.65 -16.41 28.26
N ARG A 760 19.48 -17.39 27.91
CA ARG A 760 20.92 -17.19 27.92
C ARG A 760 21.53 -16.96 26.54
N TYR A 761 20.87 -17.36 25.46
CA TYR A 761 21.55 -17.42 24.17
C TYR A 761 20.85 -16.73 23.02
N ASP A 762 19.51 -16.71 22.97
CA ASP A 762 18.76 -16.13 21.85
C ASP A 762 19.09 -16.85 20.54
N ILE A 763 18.68 -18.11 20.50
CA ILE A 763 19.11 -19.05 19.46
C ILE A 763 18.69 -18.61 18.06
N ALA A 764 19.40 -19.14 17.06
CA ALA A 764 19.10 -18.95 15.65
C ALA A 764 18.76 -20.28 15.02
N VAL A 765 17.73 -20.30 14.17
CA VAL A 765 17.09 -21.53 13.71
C VAL A 765 17.34 -21.70 12.22
N THR A 766 17.85 -22.87 11.84
CA THR A 766 18.08 -23.21 10.44
C THR A 766 16.77 -23.71 9.82
N GLY A 767 16.72 -23.66 8.48
CA GLY A 767 15.50 -24.07 7.79
C GLY A 767 15.18 -25.54 7.94
N TYR A 768 16.22 -26.38 8.03
CA TYR A 768 15.99 -27.82 8.17
C TYR A 768 15.32 -28.13 9.50
N ALA A 769 15.83 -27.56 10.59
CA ALA A 769 15.22 -27.78 11.89
C ALA A 769 13.82 -27.22 11.95
N LEU A 770 13.53 -26.18 11.16
CA LEU A 770 12.15 -25.70 11.05
C LEU A 770 11.29 -26.70 10.30
N ASN A 771 11.86 -27.38 9.29
CA ASN A 771 11.11 -28.38 8.56
C ASN A 771 10.78 -29.58 9.44
N ALA A 772 11.73 -29.98 10.30
CA ALA A 772 11.48 -31.14 11.16
C ALA A 772 10.47 -30.81 12.25
N LEU A 773 10.55 -29.60 12.81
CA LEU A 773 9.63 -29.19 13.88
C LEU A 773 8.26 -28.82 13.39
N GLU A 774 7.90 -29.10 12.13
CA GLU A 774 6.55 -28.84 11.66
C GLU A 774 5.55 -29.67 12.46
N GLY A 775 4.44 -29.04 12.84
CA GLY A 775 3.40 -29.71 13.60
C GLY A 775 3.64 -29.80 15.08
N HIS A 776 4.82 -29.41 15.56
CA HIS A 776 5.13 -29.51 16.97
C HIS A 776 4.25 -28.57 17.80
N SER A 777 4.17 -28.85 19.10
CA SER A 777 3.32 -28.06 19.98
C SER A 777 4.00 -26.77 20.40
N GLN A 778 5.29 -26.84 20.73
CA GLN A 778 6.03 -25.67 21.19
C GLN A 778 6.64 -24.87 20.04
N LEU A 779 6.17 -25.09 18.82
CA LEU A 779 6.72 -24.35 17.69
C LEU A 779 6.46 -22.86 17.83
N ARG A 780 5.26 -22.49 18.27
CA ARG A 780 4.93 -21.08 18.40
C ARG A 780 5.63 -20.46 19.60
N ASP A 781 5.93 -21.26 20.63
CA ASP A 781 6.77 -20.77 21.72
C ASP A 781 8.19 -20.52 21.23
N LEU A 782 8.69 -21.37 20.33
CA LEU A 782 10.03 -21.19 19.80
C LEU A 782 10.12 -19.93 18.94
N LEU A 783 9.15 -19.73 18.05
CA LEU A 783 9.23 -18.61 17.12
C LEU A 783 9.17 -17.25 17.82
N ARG A 784 8.95 -17.22 19.13
CA ARG A 784 8.98 -15.94 19.84
C ARG A 784 10.39 -15.42 20.01
N HIS A 785 11.32 -16.30 20.39
CA HIS A 785 12.62 -15.85 20.89
C HIS A 785 13.71 -15.80 19.83
N THR A 786 13.60 -16.58 18.76
CA THR A 786 14.66 -16.62 17.76
C THR A 786 14.67 -15.34 16.93
N TRP A 787 15.86 -14.79 16.72
CA TRP A 787 16.01 -13.56 15.94
C TRP A 787 16.68 -13.76 14.60
N VAL A 788 17.16 -14.95 14.28
CA VAL A 788 17.94 -15.18 13.06
C VAL A 788 17.56 -16.52 12.45
N TYR A 789 17.18 -16.50 11.17
CA TYR A 789 16.84 -17.71 10.44
C TYR A 789 17.73 -17.80 9.19
N ALA A 790 18.28 -18.98 8.95
CA ALA A 790 19.21 -19.18 7.85
C ALA A 790 18.84 -20.43 7.07
N ARG A 791 19.26 -20.47 5.81
CA ARG A 791 18.99 -21.60 4.91
C ARG A 791 17.50 -21.89 4.82
N VAL A 792 16.72 -20.89 4.42
CA VAL A 792 15.29 -21.05 4.25
C VAL A 792 14.94 -20.92 2.77
N SER A 793 14.09 -21.82 2.30
CA SER A 793 13.56 -21.77 0.95
C SER A 793 12.37 -20.81 0.88
N PRO A 794 12.05 -20.28 -0.31
CA PRO A 794 11.01 -19.26 -0.41
C PRO A 794 9.67 -19.64 0.22
N SER A 795 9.28 -20.91 0.19
CA SER A 795 8.02 -21.29 0.83
C SER A 795 8.09 -21.15 2.34
N GLN A 796 9.25 -21.42 2.93
CA GLN A 796 9.36 -21.32 4.38
C GLN A 796 9.32 -19.87 4.84
N LYS A 797 9.77 -18.92 4.00
CA LYS A 797 9.61 -17.51 4.34
C LYS A 797 8.14 -17.14 4.43
N GLU A 798 7.34 -17.58 3.45
CA GLU A 798 5.90 -17.36 3.52
C GLU A 798 5.31 -17.98 4.77
N PHE A 799 5.73 -19.19 5.11
CA PHE A 799 5.23 -19.83 6.32
C PHE A 799 5.56 -19.00 7.56
N LEU A 800 6.80 -18.51 7.64
CA LEU A 800 7.21 -17.71 8.79
C LEU A 800 6.38 -16.45 8.92
N LEU A 801 6.20 -15.73 7.81
CA LEU A 801 5.45 -14.48 7.89
C LEU A 801 3.98 -14.73 8.21
N ASN A 802 3.41 -15.80 7.65
CA ASN A 802 2.02 -16.09 7.97
C ASN A 802 1.86 -16.48 9.44
N THR A 803 2.83 -17.21 9.99
CA THR A 803 2.74 -17.54 11.41
C THR A 803 2.86 -16.28 12.28
N LEU A 804 3.79 -15.38 11.93
CA LEU A 804 3.94 -14.17 12.73
C LEU A 804 2.69 -13.29 12.64
N LYS A 805 2.04 -13.28 11.48
CA LYS A 805 0.74 -12.61 11.40
C LYS A 805 -0.29 -13.32 12.26
N ASP A 806 -0.24 -14.65 12.31
CA ASP A 806 -1.24 -15.42 13.03
C ASP A 806 -1.15 -15.17 14.54
N MET A 807 0.07 -15.03 15.06
CA MET A 807 0.21 -14.76 16.48
C MET A 807 -0.40 -13.43 16.89
N GLY A 808 -0.60 -12.51 15.95
CA GLY A 808 -1.18 -11.22 16.23
C GLY A 808 -0.25 -10.04 16.13
N TYR A 809 0.97 -10.22 15.62
CA TYR A 809 1.94 -9.15 15.50
C TYR A 809 1.96 -8.65 14.06
N GLN A 810 1.89 -7.33 13.90
CA GLN A 810 1.99 -6.73 12.57
C GLN A 810 3.45 -6.69 12.13
N THR A 811 3.68 -6.82 10.82
CA THR A 811 4.99 -7.12 10.31
C THR A 811 5.43 -6.15 9.22
N LEU A 812 6.73 -6.14 8.96
CA LEU A 812 7.35 -5.33 7.91
C LEU A 812 8.54 -6.09 7.35
N MET A 813 8.54 -6.34 6.05
CA MET A 813 9.64 -7.05 5.40
C MET A 813 10.23 -6.19 4.30
N CYS A 814 11.55 -6.00 4.34
CA CYS A 814 12.27 -5.20 3.37
C CYS A 814 13.16 -6.14 2.55
N GLY A 815 12.73 -6.44 1.32
CA GLY A 815 13.36 -7.49 0.54
C GLY A 815 14.12 -7.03 -0.68
N ASP A 816 15.17 -7.76 -1.05
CA ASP A 816 16.02 -7.34 -2.15
C ASP A 816 15.47 -7.77 -3.51
N GLY A 817 15.12 -9.05 -3.66
CA GLY A 817 14.83 -9.58 -4.97
C GLY A 817 13.68 -10.57 -5.06
N THR A 818 13.62 -11.30 -6.18
CA THR A 818 12.55 -12.26 -6.43
C THR A 818 12.61 -13.45 -5.48
N ASN A 819 13.64 -13.52 -4.63
CA ASN A 819 13.76 -14.65 -3.72
C ASN A 819 12.55 -14.78 -2.80
N ASP A 820 11.94 -13.64 -2.45
CA ASP A 820 10.92 -13.60 -1.40
C ASP A 820 9.71 -12.74 -1.76
N VAL A 821 9.27 -12.78 -3.02
CA VAL A 821 8.08 -12.03 -3.40
C VAL A 821 6.85 -12.55 -2.67
N GLY A 822 6.77 -13.88 -2.49
CA GLY A 822 5.65 -14.44 -1.76
C GLY A 822 5.60 -13.95 -0.33
N ALA A 823 6.76 -13.82 0.31
CA ALA A 823 6.79 -13.27 1.66
C ALA A 823 6.43 -11.80 1.66
N LEU A 824 6.95 -11.04 0.70
CA LEU A 824 6.63 -9.61 0.63
C LEU A 824 5.13 -9.38 0.54
N LYS A 825 4.44 -10.19 -0.25
CA LYS A 825 3.00 -9.97 -0.41
C LYS A 825 2.25 -10.28 0.88
N GLN A 826 2.75 -11.22 1.70
CA GLN A 826 2.02 -11.62 2.89
C GLN A 826 2.14 -10.60 4.01
N ALA A 827 3.23 -9.84 4.05
CA ALA A 827 3.43 -8.89 5.14
C ALA A 827 2.37 -7.80 5.13
N HIS A 828 2.09 -7.27 6.32
CA HIS A 828 1.14 -6.15 6.42
C HIS A 828 1.61 -4.97 5.61
N VAL A 829 2.92 -4.74 5.56
CA VAL A 829 3.51 -3.71 4.72
C VAL A 829 4.85 -4.22 4.21
N GLY A 830 5.04 -4.18 2.91
CA GLY A 830 6.25 -4.70 2.29
C GLY A 830 6.95 -3.64 1.46
N ILE A 831 8.27 -3.70 1.43
CA ILE A 831 9.10 -2.78 0.66
C ILE A 831 10.04 -3.59 -0.22
N ALA A 832 10.25 -3.14 -1.45
CA ALA A 832 11.23 -3.73 -2.35
C ALA A 832 12.28 -2.67 -2.68
N LEU A 833 13.53 -2.94 -2.32
CA LEU A 833 14.61 -1.97 -2.50
C LEU A 833 15.28 -2.23 -3.84
N LEU A 834 14.82 -1.54 -4.87
CA LEU A 834 15.49 -1.62 -6.17
C LEU A 834 16.83 -0.92 -6.10
N ASN A 835 17.84 -1.52 -6.70
CA ASN A 835 19.18 -0.92 -6.71
C ASN A 835 19.16 0.33 -7.57
N GLY A 836 19.80 1.38 -7.08
CA GLY A 836 19.90 2.61 -7.84
C GLY A 836 21.09 3.42 -7.37
N THR A 837 21.43 4.42 -8.18
CA THR A 837 22.50 5.35 -7.87
C THR A 837 21.94 6.77 -7.86
N GLU A 838 22.42 7.58 -6.91
CA GLU A 838 21.93 8.95 -6.79
C GLU A 838 22.31 9.78 -8.00
N GLU A 839 23.56 9.64 -8.47
CA GLU A 839 24.02 10.42 -9.61
C GLU A 839 23.29 10.03 -10.88
N GLY A 840 22.97 8.74 -11.03
CA GLY A 840 22.20 8.31 -12.20
C GLY A 840 20.80 8.89 -12.20
N LEU A 841 20.15 8.91 -11.02
CA LEU A 841 18.83 9.52 -10.92
C LEU A 841 18.90 11.02 -11.17
N LYS A 842 19.96 11.68 -10.70
CA LYS A 842 20.12 13.10 -10.97
C LYS A 842 20.27 13.37 -12.45
N LYS A 843 21.09 12.56 -13.14
CA LYS A 843 21.27 12.73 -14.58
C LYS A 843 19.98 12.44 -15.32
N LEU A 844 19.22 11.43 -14.89
CA LEU A 844 17.95 11.13 -15.52
C LEU A 844 16.95 12.25 -15.34
N GLY A 845 16.92 12.86 -14.13
CA GLY A 845 16.03 13.98 -13.89
C GLY A 845 16.44 15.20 -14.72
N GLU A 846 17.74 15.43 -14.86
CA GLU A 846 18.20 16.53 -15.70
C GLU A 846 17.82 16.32 -17.15
N GLN A 847 17.96 15.07 -17.64
CA GLN A 847 17.57 14.77 -19.01
C GLN A 847 16.07 14.94 -19.21
N ARG A 848 15.27 14.50 -18.23
CA ARG A 848 13.83 14.68 -18.32
C ARG A 848 13.45 16.16 -18.33
N ARG A 849 14.12 16.97 -17.51
CA ARG A 849 13.85 18.39 -17.50
C ARG A 849 14.23 19.04 -18.83
N LEU A 850 15.38 18.66 -19.39
CA LEU A 850 15.81 19.21 -20.66
C LEU A 850 14.87 18.81 -21.79
N GLU A 851 14.33 17.59 -21.73
CA GLU A 851 13.38 17.15 -22.75
C GLU A 851 12.04 17.85 -22.60
N ALA A 958 8.22 2.24 -10.70
CA ALA A 958 7.28 1.50 -11.53
C ALA A 958 7.55 0.00 -11.45
N SER A 959 7.64 -0.52 -10.23
CA SER A 959 7.93 -1.93 -10.04
C SER A 959 6.66 -2.77 -10.00
N CYS A 960 5.71 -2.40 -9.13
CA CYS A 960 4.48 -3.16 -8.90
C CYS A 960 4.78 -4.58 -8.45
N ALA A 961 5.90 -4.77 -7.77
CA ALA A 961 6.25 -6.09 -7.23
C ALA A 961 5.80 -6.25 -5.79
N ALA A 962 5.79 -5.18 -5.02
CA ALA A 962 5.39 -5.20 -3.62
C ALA A 962 4.50 -3.98 -3.36
N PRO A 963 3.80 -3.92 -2.22
CA PRO A 963 2.95 -2.75 -1.97
C PRO A 963 3.69 -1.42 -2.07
N PHE A 964 4.94 -1.37 -1.63
CA PHE A 964 5.74 -0.15 -1.72
C PHE A 964 6.97 -0.41 -2.57
N THR A 965 7.61 0.67 -3.02
CA THR A 965 8.83 0.59 -3.81
C THR A 965 9.76 1.71 -3.44
N SER A 966 11.07 1.44 -3.48
CA SER A 966 12.09 2.46 -3.24
C SER A 966 13.15 2.34 -4.31
N LYS A 967 13.46 3.45 -4.97
CA LYS A 967 14.44 3.41 -6.05
C LYS A 967 15.86 3.62 -5.52
N LEU A 968 16.02 4.42 -4.48
CA LEU A 968 17.35 4.62 -3.91
C LEU A 968 17.77 3.38 -3.14
N ALA A 969 19.06 3.04 -3.24
CA ALA A 969 19.56 1.82 -2.64
C ALA A 969 19.74 1.93 -1.13
N ASN A 970 19.67 3.14 -0.57
CA ASN A 970 19.85 3.30 0.87
C ASN A 970 18.75 2.57 1.62
N VAL A 971 19.04 2.19 2.87
CA VAL A 971 18.12 1.40 3.67
C VAL A 971 17.32 2.25 4.66
N SER A 972 17.49 3.57 4.64
CA SER A 972 16.74 4.43 5.54
C SER A 972 15.25 4.50 5.21
N ALA A 973 14.82 3.86 4.12
CA ALA A 973 13.42 3.93 3.72
C ALA A 973 12.51 3.35 4.78
N VAL A 974 12.96 2.34 5.52
CA VAL A 974 12.15 1.75 6.58
C VAL A 974 11.83 2.78 7.65
N THR A 975 12.87 3.41 8.19
CA THR A 975 12.67 4.46 9.19
C THR A 975 11.79 5.57 8.64
N ASN A 976 12.02 5.95 7.37
CA ASN A 976 11.24 7.04 6.78
C ASN A 976 9.75 6.70 6.76
N ILE A 977 9.41 5.52 6.26
CA ILE A 977 8.00 5.17 6.11
C ILE A 977 7.33 4.98 7.46
N ILE A 978 8.06 4.44 8.44
CA ILE A 978 7.47 4.29 9.77
C ILE A 978 7.18 5.66 10.38
N ARG A 979 8.13 6.58 10.27
CA ARG A 979 7.92 7.93 10.80
C ARG A 979 6.70 8.58 10.15
N GLN A 980 6.57 8.44 8.82
CA GLN A 980 5.44 9.08 8.16
C GLN A 980 4.11 8.50 8.59
N GLY A 981 4.03 7.17 8.70
CA GLY A 981 2.79 6.57 9.19
C GLY A 981 2.42 7.03 10.58
N ARG A 982 3.42 7.10 11.47
CA ARG A 982 3.17 7.56 12.83
C ARG A 982 2.64 8.99 12.84
N CYS A 983 3.23 9.86 12.03
CA CYS A 983 2.76 11.24 11.98
C CYS A 983 1.33 11.32 11.46
N ALA A 984 0.99 10.52 10.45
CA ALA A 984 -0.38 10.54 9.93
C ALA A 984 -1.38 10.15 11.02
N LEU A 985 -1.09 9.06 11.74
CA LEU A 985 -1.99 8.64 12.82
C LEU A 985 -2.17 9.74 13.85
N VAL A 986 -1.07 10.31 14.34
CA VAL A 986 -1.20 11.25 15.45
C VAL A 986 -1.90 12.53 14.98
N ASN A 987 -1.70 12.93 13.73
CA ASN A 987 -2.41 14.09 13.20
C ASN A 987 -3.91 13.82 13.11
N THR A 988 -4.30 12.61 12.72
CA THR A 988 -5.72 12.27 12.73
C THR A 988 -6.31 12.44 14.12
N ILE A 989 -5.61 11.95 15.14
CA ILE A 989 -6.13 12.06 16.51
C ILE A 989 -6.34 13.53 16.89
N GLN A 990 -5.30 14.35 16.65
CA GLN A 990 -5.40 15.77 16.99
C GLN A 990 -6.59 16.42 16.30
N MET A 991 -6.80 16.11 15.03
CA MET A 991 -7.89 16.75 14.30
C MET A 991 -9.25 16.33 14.84
N TYR A 992 -9.40 15.04 15.17
CA TYR A 992 -10.62 14.59 15.85
C TYR A 992 -10.93 15.48 17.04
N LYS A 993 -9.98 15.58 17.96
CA LYS A 993 -10.25 16.30 19.21
C LYS A 993 -10.60 17.76 18.95
N ILE A 994 -9.83 18.42 18.08
CA ILE A 994 -10.02 19.85 17.87
C ILE A 994 -11.38 20.12 17.24
N LEU A 995 -11.76 19.35 16.21
CA LEU A 995 -13.05 19.56 15.57
C LEU A 995 -14.18 19.36 16.56
N ALA A 996 -14.14 18.28 17.34
CA ALA A 996 -15.22 18.03 18.28
C ALA A 996 -15.39 19.19 19.25
N LEU A 997 -14.29 19.64 19.85
CA LEU A 997 -14.40 20.68 20.87
C LEU A 997 -14.88 22.00 20.28
N ASN A 998 -14.38 22.38 19.09
CA ASN A 998 -14.85 23.61 18.47
C ASN A 998 -16.34 23.56 18.20
N CYS A 999 -16.84 22.43 17.67
CA CYS A 999 -18.26 22.34 17.40
C CYS A 999 -19.08 22.46 18.67
N LEU A 1000 -18.65 21.79 19.75
CA LEU A 1000 -19.41 21.87 20.99
C LEU A 1000 -19.45 23.29 21.53
N ILE A 1001 -18.32 23.98 21.53
CA ILE A 1001 -18.28 25.35 22.06
C ILE A 1001 -19.21 26.24 21.24
N SER A 1002 -19.14 26.13 19.91
CA SER A 1002 -20.00 26.96 19.07
C SER A 1002 -21.48 26.70 19.36
N ALA A 1003 -21.85 25.42 19.49
CA ALA A 1003 -23.25 25.09 19.73
C ALA A 1003 -23.74 25.69 21.04
N TYR A 1004 -22.97 25.52 22.12
CA TYR A 1004 -23.46 25.99 23.42
C TYR A 1004 -23.46 27.52 23.50
N SER A 1005 -22.49 28.18 22.86
CA SER A 1005 -22.51 29.64 22.85
C SER A 1005 -23.73 30.16 22.10
N LEU A 1006 -24.01 29.59 20.92
CA LEU A 1006 -25.22 29.98 20.20
C LEU A 1006 -26.46 29.72 21.03
N SER A 1007 -26.47 28.63 21.81
CA SER A 1007 -27.59 28.37 22.70
C SER A 1007 -27.77 29.50 23.70
N ILE A 1008 -26.70 29.87 24.39
CA ILE A 1008 -26.80 30.89 25.45
C ILE A 1008 -27.28 32.21 24.87
N ILE A 1009 -26.86 32.54 23.65
CA ILE A 1009 -27.35 33.77 23.06
C ILE A 1009 -28.82 33.64 22.67
N TYR A 1010 -29.19 32.56 21.98
CA TYR A 1010 -30.54 32.45 21.45
C TYR A 1010 -31.58 32.23 22.53
N MET A 1011 -31.18 31.92 23.76
CA MET A 1011 -32.16 31.83 24.84
C MET A 1011 -32.90 33.14 25.01
N ALA A 1012 -32.17 34.25 25.10
CA ALA A 1012 -32.78 35.57 25.09
C ALA A 1012 -33.09 35.96 23.65
N GLY A 1013 -33.45 37.23 23.42
CA GLY A 1013 -33.78 37.67 22.09
C GLY A 1013 -32.58 38.04 21.23
N VAL A 1014 -31.44 38.33 21.85
CA VAL A 1014 -30.30 38.88 21.11
C VAL A 1014 -29.74 37.83 20.14
N LYS A 1015 -29.05 38.31 19.11
CA LYS A 1015 -28.41 37.46 18.13
C LYS A 1015 -27.24 38.21 17.50
N PHE A 1016 -26.30 37.46 16.93
CA PHE A 1016 -25.11 38.05 16.33
C PHE A 1016 -25.48 38.93 15.14
N GLY A 1017 -24.52 39.79 14.75
CA GLY A 1017 -24.60 40.46 13.48
C GLY A 1017 -23.79 39.75 12.41
N ASP A 1018 -24.00 40.15 11.16
CA ASP A 1018 -23.28 39.50 10.06
C ASP A 1018 -21.77 39.73 10.18
N GLY A 1019 -21.36 40.98 10.44
CA GLY A 1019 -19.94 41.28 10.48
C GLY A 1019 -19.21 40.54 11.57
N GLN A 1020 -19.86 40.40 12.74
CA GLN A 1020 -19.22 39.71 13.86
C GLN A 1020 -18.95 38.24 13.51
N ALA A 1021 -19.95 37.56 12.96
CA ALA A 1021 -19.78 36.16 12.61
C ALA A 1021 -18.76 35.98 11.49
N THR A 1022 -18.77 36.87 10.50
CA THR A 1022 -17.79 36.76 9.42
C THR A 1022 -16.37 37.00 9.92
N VAL A 1023 -16.18 37.97 10.81
CA VAL A 1023 -14.86 38.21 11.36
C VAL A 1023 -14.40 37.01 12.18
N SER A 1024 -15.30 36.42 12.95
CA SER A 1024 -14.94 35.21 13.68
C SER A 1024 -14.53 34.09 12.73
N GLY A 1025 -15.26 33.93 11.63
CA GLY A 1025 -14.91 32.91 10.66
C GLY A 1025 -13.52 33.12 10.08
N LEU A 1026 -13.19 34.35 9.71
CA LEU A 1026 -11.87 34.60 9.16
C LEU A 1026 -10.78 34.37 10.21
N LEU A 1027 -11.00 34.84 11.43
CA LEU A 1027 -9.98 34.70 12.47
C LEU A 1027 -9.80 33.26 12.90
N LEU A 1028 -10.77 32.39 12.62
CA LEU A 1028 -10.53 30.98 12.88
C LEU A 1028 -9.91 30.28 11.67
N SER A 1029 -10.29 30.68 10.46
CA SER A 1029 -9.68 30.08 9.27
C SER A 1029 -8.20 30.39 9.20
N VAL A 1030 -7.78 31.54 9.74
CA VAL A 1030 -6.35 31.85 9.79
C VAL A 1030 -5.59 30.79 10.58
N CYS A 1031 -6.18 30.33 11.69
CA CYS A 1031 -5.52 29.30 12.48
C CYS A 1031 -5.65 27.92 11.83
N PHE A 1032 -6.79 27.64 11.19
CA PHE A 1032 -6.92 26.39 10.44
C PHE A 1032 -5.84 26.26 9.37
N LEU A 1033 -5.52 27.36 8.70
CA LEU A 1033 -4.52 27.32 7.64
C LEU A 1033 -3.14 26.95 8.18
N SER A 1034 -2.77 27.55 9.31
CA SER A 1034 -1.42 27.34 9.83
C SER A 1034 -1.27 26.02 10.57
N ILE A 1035 -2.36 25.51 11.17
CA ILE A 1035 -2.22 24.40 12.12
C ILE A 1035 -1.68 23.13 11.45
N SER A 1036 -2.08 22.84 10.22
CA SER A 1036 -1.68 21.58 9.62
C SER A 1036 -0.18 21.56 9.31
N ARG A 1037 0.42 22.73 9.13
CA ARG A 1037 1.84 22.78 8.82
C ARG A 1037 2.68 22.40 10.04
N GLY A 1038 3.51 21.39 9.89
CA GLY A 1038 4.35 20.93 10.98
C GLY A 1038 5.41 19.98 10.45
N LYS A 1039 6.49 19.85 11.22
CA LYS A 1039 7.63 19.06 10.81
C LYS A 1039 7.81 17.87 11.75
N PRO A 1040 8.06 16.67 11.23
CA PRO A 1040 8.26 15.51 12.11
C PRO A 1040 9.65 15.50 12.71
N LEU A 1041 9.74 14.99 13.94
CA LEU A 1041 11.03 14.81 14.58
C LEU A 1041 11.86 13.79 13.83
N GLU A 1042 13.16 14.03 13.76
CA GLU A 1042 14.04 13.11 13.05
C GLU A 1042 14.14 11.77 13.77
N LYS A 1043 14.39 11.79 15.07
CA LYS A 1043 14.55 10.57 15.84
C LYS A 1043 13.19 10.06 16.29
N LEU A 1044 12.95 8.78 16.09
CA LEU A 1044 11.68 8.18 16.49
C LEU A 1044 11.62 8.06 18.02
N SER A 1045 10.39 8.01 18.53
CA SER A 1045 10.15 7.98 19.96
C SER A 1045 9.45 6.69 20.37
N LYS A 1046 9.64 6.30 21.63
CA LYS A 1046 9.11 5.02 22.11
C LYS A 1046 7.60 5.01 22.12
N GLN A 1047 6.97 6.14 22.46
CA GLN A 1047 5.53 6.17 22.60
C GLN A 1047 4.85 5.86 21.27
N ARG A 1048 4.08 4.78 21.24
CA ARG A 1048 3.36 4.38 20.05
C ARG A 1048 1.91 4.80 20.17
N PRO A 1049 1.36 5.50 19.18
CA PRO A 1049 -0.01 6.00 19.29
C PRO A 1049 -1.01 4.88 19.03
N GLN A 1050 -2.10 4.90 19.81
CA GLN A 1050 -3.14 3.89 19.67
C GLN A 1050 -4.17 4.32 18.65
N SER A 1051 -4.78 3.34 18.00
CA SER A 1051 -5.77 3.58 16.96
C SER A 1051 -7.18 3.44 17.50
N GLY A 1052 -8.13 4.04 16.79
CA GLY A 1052 -9.53 4.00 17.18
C GLY A 1052 -10.00 5.30 17.79
N ILE A 1053 -11.26 5.68 17.53
CA ILE A 1053 -11.79 6.92 18.08
C ILE A 1053 -12.02 6.78 19.58
N PHE A 1054 -12.66 5.68 20.00
CA PHE A 1054 -13.10 5.52 21.38
C PHE A 1054 -11.96 4.93 22.21
N ASN A 1055 -11.41 5.76 23.10
CA ASN A 1055 -10.51 5.29 24.14
C ASN A 1055 -10.59 6.30 25.27
N VAL A 1056 -10.04 5.92 26.42
CA VAL A 1056 -10.14 6.76 27.61
C VAL A 1056 -9.58 8.15 27.33
N TYR A 1057 -8.50 8.23 26.54
CA TYR A 1057 -7.83 9.49 26.31
C TYR A 1057 -8.75 10.51 25.65
N ILE A 1058 -9.33 10.15 24.50
CA ILE A 1058 -10.10 11.11 23.72
C ILE A 1058 -11.33 11.56 24.49
N MET A 1059 -12.12 10.61 24.99
CA MET A 1059 -13.35 10.98 25.68
C MET A 1059 -13.04 11.77 26.94
N GLY A 1060 -12.05 11.35 27.70
CA GLY A 1060 -11.71 12.09 28.91
C GLY A 1060 -11.29 13.52 28.62
N SER A 1061 -10.34 13.69 27.70
CA SER A 1061 -9.86 15.03 27.38
C SER A 1061 -10.98 15.92 26.88
N ILE A 1062 -11.78 15.40 25.94
CA ILE A 1062 -12.86 16.20 25.36
C ILE A 1062 -13.85 16.62 26.44
N LEU A 1063 -14.32 15.65 27.24
CA LEU A 1063 -15.35 15.98 28.23
C LEU A 1063 -14.83 16.94 29.28
N SER A 1064 -13.58 16.79 29.70
CA SER A 1064 -13.09 17.68 30.76
C SER A 1064 -12.85 19.09 30.23
N GLN A 1065 -12.24 19.23 29.06
CA GLN A 1065 -12.08 20.56 28.49
C GLN A 1065 -13.44 21.22 28.27
N PHE A 1066 -14.42 20.46 27.81
CA PHE A 1066 -15.76 21.02 27.63
C PHE A 1066 -16.36 21.44 28.95
N ALA A 1067 -16.11 20.68 30.02
CA ALA A 1067 -16.61 21.05 31.33
C ALA A 1067 -16.03 22.38 31.79
N VAL A 1068 -14.72 22.56 31.62
CA VAL A 1068 -14.11 23.83 32.02
C VAL A 1068 -14.69 24.97 31.21
N HIS A 1069 -14.83 24.76 29.89
CA HIS A 1069 -15.39 25.80 29.03
C HIS A 1069 -16.78 26.22 29.46
N ILE A 1070 -17.66 25.23 29.72
CA ILE A 1070 -19.02 25.56 30.10
C ILE A 1070 -19.07 26.22 31.47
N ALA A 1071 -18.15 25.85 32.36
CA ALA A 1071 -18.11 26.51 33.66
C ALA A 1071 -17.81 28.00 33.52
N THR A 1072 -16.76 28.33 32.76
CA THR A 1072 -16.43 29.73 32.56
C THR A 1072 -17.57 30.48 31.88
N LEU A 1073 -18.19 29.85 30.87
CA LEU A 1073 -19.28 30.50 30.16
C LEU A 1073 -20.46 30.79 31.08
N VAL A 1074 -20.83 29.83 31.92
CA VAL A 1074 -21.92 30.03 32.86
C VAL A 1074 -21.60 31.16 33.84
N TYR A 1075 -20.36 31.20 34.31
CA TYR A 1075 -19.98 32.26 35.25
C TYR A 1075 -20.14 33.64 34.64
N ILE A 1076 -19.59 33.84 33.45
CA ILE A 1076 -19.71 35.18 32.85
C ILE A 1076 -21.15 35.49 32.46
N THR A 1077 -21.93 34.49 32.06
CA THR A 1077 -23.33 34.76 31.77
C THR A 1077 -24.08 35.24 33.00
N THR A 1078 -23.83 34.59 34.14
CA THR A 1078 -24.41 35.07 35.40
C THR A 1078 -23.98 36.51 35.69
N GLU A 1079 -22.69 36.81 35.48
CA GLU A 1079 -22.21 38.17 35.71
C GLU A 1079 -22.96 39.18 34.85
N ILE A 1080 -23.09 38.90 33.56
CA ILE A 1080 -23.70 39.85 32.65
C ILE A 1080 -25.18 40.03 32.97
N TYR A 1081 -25.87 38.94 33.30
CA TYR A 1081 -27.26 39.07 33.73
C TYR A 1081 -27.37 39.89 35.01
N LYS A 1082 -26.37 39.80 35.89
CA LYS A 1082 -26.41 40.57 37.12
C LYS A 1082 -26.21 42.06 36.87
N LEU A 1083 -25.37 42.42 35.90
CA LEU A 1083 -25.18 43.84 35.60
C LEU A 1083 -26.47 44.46 35.05
N GLU A 1084 -27.03 43.88 34.00
CA GLU A 1084 -28.27 44.37 33.41
C GLU A 1084 -29.28 43.23 33.41
N PRO A 1085 -30.47 43.41 33.97
CA PRO A 1085 -31.48 42.35 33.93
C PRO A 1085 -32.42 42.47 32.75
N ARG A 1086 -32.82 41.33 32.21
CA ARG A 1086 -33.75 41.28 31.09
C ARG A 1086 -35.12 40.83 31.59
N GLU A 1087 -36.16 41.36 30.95
CA GLU A 1087 -37.53 41.11 31.37
C GLU A 1087 -38.36 40.63 30.19
N PRO A 1088 -39.25 39.66 30.40
CA PRO A 1088 -40.02 39.10 29.28
C PRO A 1088 -40.92 40.15 28.63
N GLN A 1089 -40.68 40.37 27.34
CA GLN A 1089 -41.50 41.23 26.51
C GLN A 1089 -42.30 40.37 25.54
N VAL A 1090 -43.60 40.62 25.44
CA VAL A 1090 -44.46 39.80 24.61
C VAL A 1090 -44.04 39.93 23.15
N ASP A 1091 -44.00 38.79 22.46
CA ASP A 1091 -43.67 38.73 21.03
C ASP A 1091 -42.28 39.30 20.74
N LEU A 1092 -41.27 38.67 21.33
CA LEU A 1092 -39.89 39.08 21.09
C LEU A 1092 -39.48 38.76 19.66
N GLU A 1093 -38.68 39.65 19.08
CA GLU A 1093 -38.11 39.44 17.75
C GLU A 1093 -36.60 39.62 17.82
N LYS A 1094 -35.86 38.63 17.31
CA LYS A 1094 -34.41 38.62 17.45
C LYS A 1094 -33.79 39.63 16.50
N GLU A 1095 -33.78 40.88 16.96
CA GLU A 1095 -33.11 41.94 16.23
C GLU A 1095 -31.73 42.20 16.85
N PHE A 1096 -30.77 42.53 15.99
CA PHE A 1096 -29.42 42.78 16.44
C PHE A 1096 -29.30 44.19 16.99
N ALA A 1097 -28.73 44.31 18.19
CA ALA A 1097 -28.47 45.60 18.83
C ALA A 1097 -27.33 45.43 19.81
N PRO A 1098 -26.48 46.43 19.96
CA PRO A 1098 -25.33 46.28 20.88
C PRO A 1098 -25.79 46.14 22.31
N SER A 1099 -25.30 45.09 22.97
CA SER A 1099 -25.65 44.81 24.36
C SER A 1099 -24.50 44.09 25.02
N LEU A 1100 -24.45 44.19 26.35
CA LEU A 1100 -23.37 43.55 27.10
C LEU A 1100 -23.30 42.06 26.80
N LEU A 1101 -24.44 41.39 26.76
CA LEU A 1101 -24.46 39.95 26.51
C LEU A 1101 -23.83 39.62 25.18
N ASN A 1102 -24.18 40.37 24.14
CA ASN A 1102 -23.62 40.14 22.81
C ASN A 1102 -22.10 40.24 22.84
N THR A 1103 -21.57 41.33 23.40
CA THR A 1103 -20.12 41.53 23.43
C THR A 1103 -19.43 40.43 24.23
N GLY A 1104 -19.90 40.19 25.45
CA GLY A 1104 -19.24 39.21 26.30
C GLY A 1104 -19.22 37.83 25.67
N ILE A 1105 -20.37 37.38 25.17
CA ILE A 1105 -20.42 36.02 24.63
C ILE A 1105 -19.65 35.92 23.33
N PHE A 1106 -19.70 36.96 22.47
CA PHE A 1106 -18.92 36.93 21.25
C PHE A 1106 -17.43 36.79 21.54
N ILE A 1107 -16.91 37.62 22.45
CA ILE A 1107 -15.48 37.58 22.72
C ILE A 1107 -15.09 36.28 23.42
N ILE A 1108 -15.95 35.76 24.31
CA ILE A 1108 -15.61 34.49 24.95
C ILE A 1108 -15.58 33.36 23.94
N GLN A 1109 -16.57 33.32 23.05
CA GLN A 1109 -16.56 32.31 21.99
C GLN A 1109 -15.27 32.38 21.19
N LEU A 1110 -14.89 33.58 20.75
CA LEU A 1110 -13.68 33.71 19.94
C LEU A 1110 -12.45 33.24 20.71
N VAL A 1111 -12.30 33.70 21.96
CA VAL A 1111 -11.07 33.39 22.70
C VAL A 1111 -10.98 31.91 23.01
N GLN A 1112 -12.10 31.26 23.34
CA GLN A 1112 -12.02 29.84 23.65
C GLN A 1112 -11.80 28.99 22.40
N GLN A 1113 -12.42 29.37 21.28
CA GLN A 1113 -12.17 28.64 20.05
C GLN A 1113 -10.72 28.79 19.60
N VAL A 1114 -10.08 29.93 19.92
CA VAL A 1114 -8.66 30.05 19.62
C VAL A 1114 -7.83 29.25 20.61
N SER A 1115 -8.26 29.21 21.87
CA SER A 1115 -7.47 28.52 22.90
C SER A 1115 -7.45 27.01 22.69
N THR A 1116 -8.51 26.44 22.11
CA THR A 1116 -8.50 25.00 21.89
C THR A 1116 -7.35 24.57 21.00
N PHE A 1117 -7.06 25.34 19.94
CA PHE A 1117 -5.94 25.01 19.06
C PHE A 1117 -4.63 24.97 19.83
N ALA A 1118 -4.37 26.02 20.61
CA ALA A 1118 -3.10 26.12 21.32
C ALA A 1118 -2.97 25.04 22.40
N VAL A 1119 -4.09 24.63 22.99
CA VAL A 1119 -4.00 23.62 24.05
C VAL A 1119 -3.84 22.22 23.45
N ASN A 1120 -4.53 21.94 22.34
CA ASN A 1120 -4.55 20.59 21.79
C ASN A 1120 -3.63 20.40 20.59
N TYR A 1121 -2.76 21.36 20.29
CA TYR A 1121 -1.73 21.10 19.28
C TYR A 1121 -0.88 19.93 19.72
N GLN A 1122 -0.39 19.17 18.74
CA GLN A 1122 0.24 17.89 19.04
C GLN A 1122 1.59 18.08 19.71
N GLY A 1123 1.89 17.17 20.63
CA GLY A 1123 3.02 17.31 21.50
C GLY A 1123 4.36 17.17 20.79
N GLU A 1124 5.41 17.25 21.60
CA GLU A 1124 6.77 17.17 21.05
C GLU A 1124 7.17 15.76 20.65
N PRO A 1125 6.99 14.72 21.48
CA PRO A 1125 7.67 13.44 21.19
C PRO A 1125 7.34 12.85 19.83
N PHE A 1126 6.22 13.23 19.23
CA PHE A 1126 5.84 12.66 17.94
C PHE A 1126 6.31 13.50 16.75
N ARG A 1127 5.87 14.76 16.67
CA ARG A 1127 6.24 15.57 15.52
C ARG A 1127 7.11 16.76 15.88
N GLU A 1128 6.65 17.68 16.73
CA GLU A 1128 7.42 18.89 16.97
C GLU A 1128 6.71 19.73 18.03
N ASN A 1129 7.46 20.67 18.60
CA ASN A 1129 6.91 21.62 19.55
C ASN A 1129 6.19 22.74 18.81
N ILE A 1130 5.57 23.64 19.58
CA ILE A 1130 4.85 24.75 18.97
C ILE A 1130 5.80 25.90 18.65
N ARG A 1131 6.89 26.04 19.39
CA ARG A 1131 7.78 27.18 19.19
C ARG A 1131 8.67 27.02 17.96
N SER A 1132 8.82 25.80 17.45
CA SER A 1132 9.73 25.59 16.32
C SER A 1132 9.18 26.22 15.05
N ASN A 1133 7.94 25.93 14.70
CA ASN A 1133 7.32 26.46 13.50
C ASN A 1133 6.83 27.87 13.79
N LYS A 1134 7.21 28.82 12.94
CA LYS A 1134 6.88 30.22 13.19
C LYS A 1134 5.48 30.58 12.72
N GLY A 1135 4.96 29.88 11.72
CA GLY A 1135 3.67 30.25 11.14
C GLY A 1135 2.52 30.20 12.14
N MET A 1136 2.27 29.03 12.70
CA MET A 1136 1.20 28.89 13.68
C MET A 1136 1.46 29.77 14.90
N TYR A 1137 2.73 29.92 15.29
CA TYR A 1137 3.04 30.71 16.48
C TYR A 1137 2.67 32.17 16.27
N TYR A 1138 3.07 32.75 15.14
CA TYR A 1138 2.70 34.13 14.84
C TYR A 1138 1.21 34.27 14.68
N GLY A 1139 0.55 33.32 14.00
CA GLY A 1139 -0.89 33.38 13.88
C GLY A 1139 -1.59 33.41 15.23
N LEU A 1140 -1.21 32.50 16.12
CA LEU A 1140 -1.86 32.43 17.43
C LEU A 1140 -1.58 33.67 18.25
N LEU A 1141 -0.33 34.13 18.28
CA LEU A 1141 -0.02 35.31 19.07
C LEU A 1141 -0.77 36.53 18.55
N GLY A 1142 -0.83 36.70 17.22
CA GLY A 1142 -1.54 37.84 16.67
C GLY A 1142 -3.03 37.78 16.93
N VAL A 1143 -3.64 36.61 16.79
CA VAL A 1143 -5.07 36.51 17.03
C VAL A 1143 -5.41 36.75 18.49
N THR A 1144 -4.58 36.22 19.40
CA THR A 1144 -4.81 36.48 20.81
C THR A 1144 -4.60 37.95 21.14
N GLY A 1145 -3.62 38.59 20.52
CA GLY A 1145 -3.42 40.01 20.72
C GLY A 1145 -4.59 40.83 20.26
N LEU A 1146 -5.17 40.48 19.10
CA LEU A 1146 -6.35 41.19 18.62
C LEU A 1146 -7.53 41.00 19.57
N ALA A 1147 -7.79 39.75 19.97
CA ALA A 1147 -8.90 39.50 20.88
C ALA A 1147 -8.72 40.27 22.19
N LEU A 1148 -7.49 40.30 22.71
CA LEU A 1148 -7.25 40.99 23.97
C LEU A 1148 -7.42 42.49 23.81
N ALA A 1149 -6.78 43.08 22.79
CA ALA A 1149 -6.94 44.52 22.56
C ALA A 1149 -8.39 44.90 22.34
N SER A 1150 -9.20 43.98 21.80
CA SER A 1150 -10.63 44.22 21.74
C SER A 1150 -11.24 44.19 23.14
N ALA A 1151 -10.79 43.26 23.98
CA ALA A 1151 -11.39 43.12 25.30
C ALA A 1151 -10.91 44.20 26.27
N THR A 1152 -9.60 44.47 26.28
CA THR A 1152 -9.07 45.44 27.24
C THR A 1152 -9.28 46.89 26.80
N GLU A 1153 -10.10 47.13 25.78
CA GLU A 1153 -10.41 48.47 25.26
C GLU A 1153 -9.15 49.33 25.08
N PHE A 1154 -8.05 48.70 24.70
CA PHE A 1154 -6.82 49.45 24.47
C PHE A 1154 -6.98 50.45 23.34
N LEU A 1155 -7.67 50.06 22.27
CA LEU A 1155 -7.86 50.92 21.11
C LEU A 1155 -9.34 51.18 20.91
N PRO A 1156 -9.79 52.44 20.89
CA PRO A 1156 -11.23 52.70 20.81
C PRO A 1156 -11.81 52.48 19.43
N GLU A 1157 -11.05 52.73 18.37
CA GLU A 1157 -11.60 52.63 17.01
C GLU A 1157 -12.11 51.23 16.72
N LEU A 1158 -11.41 50.20 17.22
CA LEU A 1158 -11.82 48.83 16.96
C LEU A 1158 -13.18 48.53 17.58
N ASN A 1159 -13.36 48.88 18.85
CA ASN A 1159 -14.63 48.62 19.51
C ASN A 1159 -15.75 49.44 18.90
N GLU A 1160 -15.49 50.74 18.66
CA GLU A 1160 -16.55 51.59 18.12
C GLU A 1160 -16.93 51.20 16.70
N ALA A 1161 -15.97 50.67 15.93
CA ALA A 1161 -16.24 50.30 14.56
C ALA A 1161 -16.95 48.96 14.44
N MET A 1162 -16.85 48.11 15.44
CA MET A 1162 -17.47 46.79 15.41
C MET A 1162 -18.71 46.70 16.30
N LYS A 1163 -19.15 47.83 16.85
CA LYS A 1163 -20.40 47.91 17.62
C LYS A 1163 -20.36 47.01 18.85
N PHE A 1164 -19.40 47.28 19.72
CA PHE A 1164 -19.34 46.68 21.06
C PHE A 1164 -19.71 47.74 22.08
N VAL A 1165 -20.56 47.38 23.03
CA VAL A 1165 -20.99 48.34 24.04
C VAL A 1165 -19.81 48.66 24.96
N PRO A 1166 -19.62 49.91 25.37
CA PRO A 1166 -18.58 50.21 26.37
C PRO A 1166 -18.90 49.52 27.69
N MET A 1167 -17.86 49.01 28.34
CA MET A 1167 -18.00 48.15 29.49
C MET A 1167 -17.58 48.86 30.78
N THR A 1168 -18.03 48.32 31.90
CA THR A 1168 -17.64 48.82 33.21
C THR A 1168 -16.20 48.42 33.52
N ASP A 1169 -15.48 49.31 34.21
CA ASP A 1169 -14.08 49.03 34.56
C ASP A 1169 -13.97 47.82 35.47
N ASP A 1170 -15.01 47.54 36.26
CA ASP A 1170 -14.98 46.34 37.09
C ASP A 1170 -15.24 45.08 36.29
N PHE A 1171 -16.00 45.20 35.19
CA PHE A 1171 -16.38 44.01 34.42
C PHE A 1171 -15.22 43.46 33.61
N LYS A 1172 -14.38 44.34 33.05
CA LYS A 1172 -13.30 43.90 32.18
C LYS A 1172 -12.29 43.05 32.93
N ILE A 1173 -12.04 43.35 34.20
CA ILE A 1173 -11.09 42.56 34.97
C ILE A 1173 -11.55 41.12 35.09
N LYS A 1174 -12.83 40.92 35.45
CA LYS A 1174 -13.37 39.58 35.52
C LYS A 1174 -13.36 38.91 34.15
N LEU A 1175 -13.72 39.67 33.10
CA LEU A 1175 -13.76 39.08 31.77
C LEU A 1175 -12.40 38.58 31.33
N THR A 1176 -11.34 39.31 31.65
CA THR A 1176 -9.99 38.88 31.24
C THR A 1176 -9.49 37.74 32.12
N LEU A 1177 -9.67 37.85 33.43
CA LEU A 1177 -9.12 36.84 34.34
C LEU A 1177 -9.80 35.50 34.15
N THR A 1178 -11.11 35.48 33.89
CA THR A 1178 -11.77 34.20 33.69
C THR A 1178 -11.24 33.50 32.45
N LEU A 1179 -10.96 34.24 31.39
CA LEU A 1179 -10.44 33.61 30.17
C LEU A 1179 -9.03 33.10 30.37
N LEU A 1180 -8.19 33.88 31.08
CA LEU A 1180 -6.84 33.42 31.36
C LEU A 1180 -6.86 32.13 32.19
N LEU A 1181 -7.66 32.10 33.25
CA LEU A 1181 -7.75 30.90 34.07
C LEU A 1181 -8.34 29.75 33.28
N ASP A 1182 -9.27 30.03 32.37
CA ASP A 1182 -9.83 28.98 31.51
C ASP A 1182 -8.75 28.34 30.67
N PHE A 1183 -7.90 29.15 30.04
CA PHE A 1183 -6.82 28.59 29.25
C PHE A 1183 -5.88 27.75 30.10
N PHE A 1184 -5.50 28.26 31.27
CA PHE A 1184 -4.58 27.49 32.11
C PHE A 1184 -5.19 26.17 32.55
N GLY A 1185 -6.48 26.17 32.91
CA GLY A 1185 -7.12 24.94 33.33
C GLY A 1185 -7.20 23.92 32.19
N SER A 1186 -7.55 24.39 30.99
CA SER A 1186 -7.59 23.49 29.84
C SER A 1186 -6.21 22.88 29.58
N TRP A 1187 -5.17 23.71 29.61
CA TRP A 1187 -3.82 23.20 29.40
C TRP A 1187 -3.46 22.16 30.45
N GLY A 1188 -3.73 22.46 31.72
CA GLY A 1188 -3.39 21.51 32.77
C GLY A 1188 -4.08 20.18 32.60
N VAL A 1189 -5.38 20.20 32.32
CA VAL A 1189 -6.10 18.94 32.19
C VAL A 1189 -5.61 18.15 31.00
N GLU A 1190 -5.45 18.81 29.84
CA GLU A 1190 -5.00 18.08 28.66
C GLU A 1190 -3.63 17.49 28.88
N HIS A 1191 -2.74 18.22 29.56
CA HIS A 1191 -1.41 17.70 29.83
C HIS A 1191 -1.47 16.47 30.74
N PHE A 1192 -2.31 16.52 31.78
CA PHE A 1192 -2.46 15.36 32.65
C PHE A 1192 -2.94 14.15 31.87
N PHE A 1193 -3.99 14.32 31.06
CA PHE A 1193 -4.54 13.18 30.34
C PHE A 1193 -3.55 12.63 29.33
N LYS A 1194 -2.80 13.49 28.65
CA LYS A 1194 -1.80 13.02 27.71
C LYS A 1194 -0.70 12.24 28.42
N PHE A 1195 -0.26 12.75 29.58
CA PHE A 1195 0.78 12.05 30.33
C PHE A 1195 0.31 10.68 30.79
N PHE A 1196 -0.98 10.54 31.08
CA PHE A 1196 -1.40 9.30 31.73
C PHE A 1196 -1.92 8.24 30.75
N PHE A 1197 -2.71 8.61 29.73
CA PHE A 1197 -3.44 7.61 28.96
C PHE A 1197 -3.19 7.66 27.46
N MET A 1198 -2.04 8.17 27.01
CA MET A 1198 -1.87 8.36 25.57
C MET A 1198 -1.45 7.08 24.86
N ASP A 1199 -0.27 6.56 25.18
CA ASP A 1199 0.35 5.50 24.39
C ASP A 1199 -0.02 4.13 24.91
N ASP A 1200 -0.33 3.22 23.99
CA ASP A 1200 -0.61 1.85 24.36
C ASP A 1200 0.69 1.07 24.59
N LYS A 1201 0.63 0.09 25.47
CA LYS A 1201 1.83 -0.61 25.89
C LYS A 1201 2.41 -1.40 24.73
N PRO A 1202 3.73 -1.39 24.55
CA PRO A 1202 4.36 -2.22 23.53
C PRO A 1202 4.17 -3.70 23.84
N SER A 1203 4.36 -4.52 22.81
CA SER A 1203 4.13 -5.95 22.96
C SER A 1203 5.22 -6.60 23.80
N ASP A 1204 4.99 -7.86 24.15
CA ASP A 1204 5.97 -8.61 24.95
C ASP A 1204 7.20 -8.95 24.13
N ILE A 1205 7.03 -9.19 22.83
CA ILE A 1205 8.15 -9.62 21.99
C ILE A 1205 9.22 -8.55 21.93
N SER A 1206 8.83 -7.28 21.96
CA SER A 1206 9.78 -6.17 21.84
C SER A 1206 10.17 -5.63 23.21
N VAL A 1207 10.94 -6.44 23.93
CA VAL A 1207 11.54 -6.02 25.19
C VAL A 1207 13.02 -6.35 25.14
N GLN A 1208 13.85 -5.38 25.51
CA GLN A 1208 15.30 -5.54 25.42
C GLN A 1208 15.83 -6.16 26.71
N GLN A 1209 15.47 -7.42 26.89
CA GLN A 1209 15.91 -8.16 28.07
C GLN A 1209 17.42 -8.38 28.02
N VAL A 1210 18.06 -8.21 29.17
CA VAL A 1210 19.50 -8.43 29.28
C VAL A 1210 19.76 -9.90 29.60
N LYS A 1211 20.97 -10.34 29.30
CA LYS A 1211 21.35 -11.74 29.52
C LYS A 1211 21.95 -11.95 30.90
PG ACP B . 19.37 -13.56 -0.01
O1G ACP B . 20.61 -13.18 0.76
O2G ACP B . 18.63 -14.61 0.78
O3G ACP B . 18.51 -12.34 -0.19
PB ACP B . 21.03 -15.65 -1.45
O1B ACP B . 22.00 -15.35 -0.34
O2B ACP B . 21.76 -15.90 -2.74
C3B ACP B . 19.84 -14.24 -1.66
PA ACP B . 19.50 -17.95 -2.23
O1A ACP B . 19.17 -17.13 -3.44
O2A ACP B . 18.28 -18.65 -1.71
O3A ACP B . 20.16 -16.99 -1.07
O5' ACP B . 20.65 -19.07 -2.61
C5' ACP B . 21.05 -19.92 -1.58
C4' ACP B . 22.53 -20.30 -1.81
O4' ACP B . 22.68 -20.75 -3.02
C3' ACP B . 23.39 -19.04 -1.77
O3' ACP B . 23.82 -18.84 -0.50
C2' ACP B . 24.58 -19.44 -2.63
O2' ACP B . 25.50 -20.22 -1.75
C1' ACP B . 24.10 -20.22 -3.56
N9 ACP B . 23.89 -19.53 -4.81
C8 ACP B . 23.14 -18.45 -5.04
N7 ACP B . 23.22 -18.16 -6.34
C5 ACP B . 24.02 -19.06 -6.92
C6 ACP B . 24.42 -19.22 -8.21
N6 ACP B . 24.12 -18.45 -9.40
N1 ACP B . 25.22 -20.21 -8.54
C2 ACP B . 25.64 -21.06 -7.59
N3 ACP B . 25.24 -20.92 -6.31
C4 ACP B . 24.43 -19.91 -5.98
MG MG C . 18.62 -10.92 -1.03
#